data_3GPD
#
_entry.id   3GPD
#
_cell.length_a   132.400
_cell.length_b   97.900
_cell.length_c   81.600
_cell.angle_alpha   90.00
_cell.angle_beta   114.30
_cell.angle_gamma   90.00
#
_symmetry.space_group_name_H-M   'C 1 2 1'
#
loop_
_entity.id
_entity.type
_entity.pdbx_description
1 polymer 'D-GLYCERALDEHYDE-3-PHOSPHATE DEHYDROGENASE'
2 non-polymer 'SULFATE ION'
3 non-polymer NICOTINAMIDE-ADENINE-DINUCLEOTIDE
#
_entity_poly.entity_id   1
_entity_poly.type   'polypeptide(L)'
_entity_poly.pdbx_seq_one_letter_code
;GKVKVGVDGFGRIGRLVTRAAFNSGKVDIVAINDPFIDLHYMVYMFQYDSTHGKFHGTVKAEDGKLVIDGKAITIFQERD
PENIKWGDAGTAYVVESTGVFTTMEKAGAHLKGGAKRIVISAPSADAPMFVMGVNHFKYANSLKIISNASCTTNCLAPLA
KVIHDHFGIVEGLMTTVHAITATQKTVDSPSGKLWRGGRGAAQNLIPASTGAAKAVGKVIPELDGKLTGMAFRVPTANVS
VLDLTCRLEKPAKYDDIKKVVKEASEGPLKGILGYTEDEVVSDDFNGSNHSSIFDAGAGIELNDTFVKLVSWYDNEFGYS
ERVVDLMAHMASKE
;
_entity_poly.pdbx_strand_id   R,G
#
# COMPACT_ATOMS: atom_id res chain seq x y z
N GLY A 1 16.91 31.04 -1.04
CA GLY A 1 16.61 31.43 0.34
C GLY A 1 15.26 32.13 0.40
N LYS A 2 14.94 32.52 1.60
CA LYS A 2 13.68 33.16 1.95
C LYS A 2 13.63 33.29 3.46
N VAL A 3 12.63 32.70 4.02
CA VAL A 3 12.42 32.67 5.47
C VAL A 3 13.68 32.12 6.17
N LYS A 4 13.74 30.78 6.16
CA LYS A 4 14.80 29.95 6.78
C LYS A 4 14.11 28.68 7.36
N VAL A 5 14.13 27.59 6.59
CA VAL A 5 13.37 26.35 6.96
C VAL A 5 14.21 25.04 7.11
N GLY A 6 13.47 24.08 7.72
CA GLY A 6 13.86 22.66 7.99
C GLY A 6 12.58 21.81 7.81
N VAL A 7 12.67 20.48 7.80
CA VAL A 7 11.43 19.71 7.54
C VAL A 7 11.48 18.25 8.00
N ASP A 8 10.32 17.87 8.52
CA ASP A 8 10.08 16.53 9.03
C ASP A 8 9.22 15.76 8.07
N GLY A 9 9.82 14.69 7.68
CA GLY A 9 9.19 13.71 6.83
C GLY A 9 9.30 14.06 5.37
N PHE A 10 10.47 13.81 4.84
CA PHE A 10 10.62 13.89 3.42
C PHE A 10 9.71 12.80 2.91
N GLY A 11 8.58 13.24 2.45
CA GLY A 11 7.59 12.31 1.96
C GLY A 11 6.28 13.01 1.71
N ARG A 12 5.72 12.56 0.62
CA ARG A 12 4.42 13.00 0.12
C ARG A 12 4.21 14.50 0.44
N ILE A 13 3.76 14.71 1.65
CA ILE A 13 3.60 16.03 2.24
C ILE A 13 4.96 16.72 2.36
N GLY A 14 6.00 15.97 2.65
CA GLY A 14 7.32 16.61 2.80
C GLY A 14 7.81 17.32 1.52
N ARG A 15 7.90 16.57 0.43
CA ARG A 15 8.49 17.05 -0.82
C ARG A 15 7.88 18.37 -1.26
N LEU A 16 6.57 18.47 -1.23
CA LEU A 16 5.96 19.75 -1.61
C LEU A 16 6.41 20.88 -0.67
N VAL A 17 6.34 20.65 0.62
CA VAL A 17 6.68 21.74 1.53
C VAL A 17 8.02 22.29 1.06
N THR A 18 8.94 21.36 0.88
CA THR A 18 10.29 21.63 0.33
C THR A 18 10.18 22.12 -1.12
N ARG A 19 9.37 21.42 -1.87
CA ARG A 19 9.24 21.72 -3.29
C ARG A 19 8.81 23.18 -3.51
N ALA A 20 7.65 23.46 -2.96
CA ALA A 20 6.95 24.78 -2.93
C ALA A 20 7.66 25.84 -2.10
N ALA A 21 8.12 25.47 -0.94
CA ALA A 21 8.71 26.48 -0.08
C ALA A 21 9.63 27.29 -0.96
N PHE A 22 10.32 26.52 -1.77
CA PHE A 22 11.28 26.99 -2.78
C PHE A 22 10.66 27.78 -3.98
N ASN A 23 9.81 27.11 -4.74
CA ASN A 23 9.19 27.70 -5.96
C ASN A 23 8.29 28.90 -5.56
N SER A 24 7.34 28.58 -4.68
CA SER A 24 6.26 29.56 -4.26
C SER A 24 6.77 30.80 -3.47
N GLY A 25 7.29 30.53 -2.27
CA GLY A 25 8.11 31.42 -1.36
C GLY A 25 9.65 31.48 -1.57
N LYS A 26 10.18 30.25 -1.48
CA LYS A 26 11.64 29.90 -1.40
C LYS A 26 12.02 29.66 0.04
N VAL A 27 11.76 30.79 0.67
CA VAL A 27 11.95 31.07 2.07
C VAL A 27 13.15 30.25 2.50
N ASP A 28 14.12 30.91 1.89
CA ASP A 28 15.55 30.74 1.92
C ASP A 28 16.04 29.35 1.64
N ILE A 29 17.01 29.23 2.45
CA ILE A 29 17.90 28.14 2.67
C ILE A 29 17.14 27.12 3.54
N VAL A 30 17.78 26.03 3.96
CA VAL A 30 17.04 25.03 4.76
C VAL A 30 17.92 23.87 5.31
N ALA A 31 17.27 22.69 5.34
CA ALA A 31 17.85 21.39 5.83
C ALA A 31 16.75 20.30 5.80
N ILE A 32 17.16 19.02 5.77
CA ILE A 32 16.21 17.87 5.75
C ILE A 32 16.56 16.83 6.83
N ASN A 33 15.52 16.49 7.59
CA ASN A 33 15.58 15.51 8.70
C ASN A 33 14.80 14.27 8.30
N ASP A 34 15.48 13.24 7.85
CA ASP A 34 14.71 12.07 7.40
C ASP A 34 15.35 10.71 7.63
N PRO A 35 15.14 10.09 8.80
CA PRO A 35 15.55 8.71 8.98
C PRO A 35 14.77 7.89 7.96
N PHE A 36 15.45 7.00 7.29
CA PHE A 36 14.97 6.18 6.10
C PHE A 36 14.58 7.03 4.88
N ILE A 37 15.60 7.36 4.21
CA ILE A 37 15.65 8.19 3.01
C ILE A 37 16.95 8.90 3.17
N ASP A 38 17.88 8.27 2.53
CA ASP A 38 19.27 8.60 2.59
C ASP A 38 19.65 9.65 1.55
N LEU A 39 20.74 10.27 1.90
CA LEU A 39 21.36 11.31 1.10
C LEU A 39 20.77 11.34 -0.35
N HIS A 40 21.11 10.31 -1.15
CA HIS A 40 20.63 10.18 -2.58
C HIS A 40 19.10 10.07 -2.76
N TYR A 41 18.41 9.33 -1.91
CA TYR A 41 16.95 9.14 -2.13
C TYR A 41 16.28 10.48 -2.31
N MET A 42 16.64 11.33 -1.40
CA MET A 42 16.06 12.66 -1.34
C MET A 42 16.16 13.27 -2.74
N VAL A 43 17.26 13.07 -3.45
CA VAL A 43 17.31 13.62 -4.83
C VAL A 43 16.19 13.02 -5.74
N TYR A 44 16.13 11.67 -5.82
CA TYR A 44 15.10 10.92 -6.62
C TYR A 44 13.68 11.11 -6.08
N MET A 45 13.62 10.84 -4.80
CA MET A 45 12.37 10.78 -4.05
C MET A 45 11.57 12.08 -4.21
N PHE A 46 12.25 13.15 -3.84
CA PHE A 46 11.72 14.51 -3.92
C PHE A 46 11.44 14.87 -5.37
N GLN A 47 12.46 14.60 -6.14
CA GLN A 47 12.50 14.88 -7.56
C GLN A 47 11.32 14.21 -8.28
N TYR A 48 11.11 12.95 -7.94
CA TYR A 48 10.13 12.13 -8.64
C TYR A 48 8.87 11.84 -7.86
N ASP A 49 7.77 12.31 -8.42
CA ASP A 49 6.46 12.08 -7.81
C ASP A 49 5.42 11.72 -8.87
N SER A 50 5.05 10.46 -8.73
CA SER A 50 4.10 9.73 -9.58
C SER A 50 2.84 10.53 -9.87
N THR A 51 2.56 11.23 -8.82
CA THR A 51 1.36 12.01 -8.58
C THR A 51 1.34 13.43 -9.27
N HIS A 52 2.43 14.19 -9.10
CA HIS A 52 2.52 15.61 -9.58
C HIS A 52 3.39 15.83 -10.84
N GLY A 53 4.12 14.80 -11.17
CA GLY A 53 5.08 14.83 -12.27
C GLY A 53 6.43 14.45 -11.68
N LYS A 54 7.44 15.13 -12.11
CA LYS A 54 8.82 14.93 -11.64
C LYS A 54 9.27 16.34 -11.14
N PHE A 55 10.53 16.60 -10.75
CA PHE A 55 10.86 18.00 -10.27
C PHE A 55 11.28 18.94 -11.47
N HIS A 56 12.59 19.07 -11.75
CA HIS A 56 13.14 19.93 -12.89
C HIS A 56 14.32 20.83 -12.36
N GLY A 57 14.83 21.80 -13.17
CA GLY A 57 16.02 22.64 -12.79
C GLY A 57 17.21 21.69 -12.58
N THR A 58 17.27 21.20 -11.34
CA THR A 58 18.16 20.11 -10.85
C THR A 58 18.06 19.92 -9.36
N VAL A 59 18.23 18.66 -9.09
CA VAL A 59 18.12 18.05 -7.79
C VAL A 59 19.28 17.03 -7.62
N LYS A 60 20.45 17.55 -7.30
CA LYS A 60 21.68 16.73 -7.13
C LYS A 60 22.30 16.93 -5.75
N ALA A 61 23.14 15.98 -5.42
CA ALA A 61 23.82 15.96 -4.12
C ALA A 61 25.33 16.02 -4.30
N GLU A 62 25.83 17.14 -3.82
CA GLU A 62 27.26 17.42 -3.79
C GLU A 62 27.75 17.23 -2.35
N ASP A 63 28.52 18.17 -1.88
CA ASP A 63 29.17 18.09 -0.53
C ASP A 63 28.16 18.08 0.66
N GLY A 64 28.16 16.92 1.34
CA GLY A 64 27.45 16.66 2.63
C GLY A 64 25.90 16.74 2.61
N LYS A 65 25.35 17.50 1.69
CA LYS A 65 23.87 17.65 1.60
C LYS A 65 23.45 17.58 0.12
N LEU A 66 22.26 18.06 -0.15
CA LEU A 66 21.70 18.07 -1.51
C LEU A 66 21.63 19.51 -2.03
N VAL A 67 21.84 19.66 -3.32
CA VAL A 67 21.74 21.00 -3.94
C VAL A 67 20.42 21.13 -4.67
N ILE A 68 19.57 21.84 -3.97
CA ILE A 68 18.23 22.18 -4.40
C ILE A 68 18.30 23.44 -5.21
N ASP A 69 18.39 23.28 -6.48
CA ASP A 69 18.49 24.45 -7.30
C ASP A 69 19.71 25.26 -6.80
N GLY A 70 20.69 24.53 -6.28
CA GLY A 70 21.95 25.12 -5.78
C GLY A 70 21.87 25.42 -4.28
N LYS A 71 20.75 26.00 -3.91
CA LYS A 71 20.47 26.35 -2.51
C LYS A 71 20.89 25.18 -1.63
N ALA A 72 22.12 25.25 -1.19
CA ALA A 72 22.70 24.21 -0.34
C ALA A 72 21.70 23.75 0.75
N ILE A 73 21.09 22.58 0.52
CA ILE A 73 20.16 21.93 1.49
C ILE A 73 20.93 20.76 2.15
N THR A 74 20.45 20.26 3.27
CA THR A 74 21.19 19.20 4.03
C THR A 74 20.32 18.00 4.34
N ILE A 75 20.97 16.91 4.67
CA ILE A 75 20.22 15.73 5.12
C ILE A 75 20.78 15.23 6.44
N PHE A 76 19.81 15.18 7.32
CA PHE A 76 19.93 14.69 8.70
C PHE A 76 18.98 13.48 8.82
N GLN A 77 19.47 12.32 9.14
CA GLN A 77 18.58 11.15 9.29
C GLN A 77 17.77 11.27 10.60
N GLU A 78 18.42 11.04 11.70
CA GLU A 78 17.82 11.20 13.05
C GLU A 78 16.42 10.62 13.20
N ARG A 79 16.42 9.71 14.14
CA ARG A 79 15.26 9.00 14.61
C ARG A 79 15.02 9.44 16.03
N ASP A 80 14.17 10.41 16.02
CA ASP A 80 13.72 11.20 17.15
C ASP A 80 14.27 12.58 16.94
N PRO A 81 13.43 13.57 16.77
CA PRO A 81 13.90 14.89 16.54
C PRO A 81 14.90 15.29 17.62
N GLU A 82 14.57 15.10 18.91
CA GLU A 82 15.53 15.53 19.99
C GLU A 82 16.95 15.33 19.56
N ASN A 83 17.10 14.15 19.06
CA ASN A 83 18.37 13.61 18.62
C ASN A 83 19.00 14.47 17.48
N ILE A 84 18.20 14.89 16.49
CA ILE A 84 18.73 15.67 15.33
C ILE A 84 19.12 17.10 15.72
N LYS A 85 20.22 17.48 15.10
CA LYS A 85 20.84 18.80 15.23
C LYS A 85 19.72 19.85 15.04
N TRP A 86 19.83 20.66 13.98
CA TRP A 86 18.78 21.65 13.62
C TRP A 86 19.28 23.13 13.70
N GLY A 87 20.16 23.47 14.63
CA GLY A 87 20.73 24.84 14.70
C GLY A 87 21.62 24.98 13.50
N ASP A 88 21.92 23.78 13.07
CA ASP A 88 22.70 23.52 11.92
C ASP A 88 21.80 23.76 10.74
N ALA A 89 22.19 24.88 10.21
CA ALA A 89 21.57 25.58 9.14
C ALA A 89 21.11 26.91 9.71
N GLY A 90 20.64 26.84 10.94
CA GLY A 90 20.02 28.00 11.60
C GLY A 90 18.64 28.17 10.97
N THR A 91 17.81 27.20 11.30
CA THR A 91 16.45 27.05 10.77
C THR A 91 15.40 27.05 11.92
N ALA A 92 15.07 28.28 12.33
CA ALA A 92 14.14 28.61 13.45
C ALA A 92 12.68 28.27 13.10
N TYR A 93 12.48 27.96 11.83
CA TYR A 93 11.19 27.60 11.26
C TYR A 93 11.37 26.30 10.39
N VAL A 94 11.00 25.22 11.07
CA VAL A 94 11.02 23.80 10.62
C VAL A 94 9.55 23.36 10.42
N VAL A 95 9.17 22.48 9.53
CA VAL A 95 7.72 22.09 9.50
C VAL A 95 7.62 20.52 9.59
N GLU A 96 6.77 20.01 10.54
CA GLU A 96 6.66 18.51 10.83
C GLU A 96 5.59 17.74 10.00
N SER A 97 6.02 16.92 9.04
CA SER A 97 5.10 15.95 8.39
C SER A 97 4.94 14.87 9.46
N THR A 98 5.65 13.75 9.25
CA THR A 98 5.89 12.72 10.30
C THR A 98 4.85 11.59 10.46
N GLY A 99 3.73 11.93 11.05
CA GLY A 99 2.65 11.00 11.39
C GLY A 99 2.28 11.20 12.87
N VAL A 100 3.02 10.49 13.71
CA VAL A 100 2.83 10.52 15.19
C VAL A 100 2.94 11.96 15.76
N PHE A 101 4.10 12.58 15.52
CA PHE A 101 4.43 13.91 16.09
C PHE A 101 3.33 14.95 15.81
N THR A 102 2.51 14.94 16.84
CA THR A 102 1.39 15.82 17.14
C THR A 102 1.50 16.22 18.57
N THR A 103 1.30 17.48 18.80
CA THR A 103 1.25 17.97 20.17
C THR A 103 2.46 18.76 20.58
N MET A 104 2.09 19.74 21.40
CA MET A 104 3.01 20.67 22.02
C MET A 104 4.15 19.89 22.62
N GLU A 105 3.76 18.89 23.41
CA GLU A 105 4.72 18.06 24.12
C GLU A 105 5.96 17.81 23.19
N LYS A 106 5.80 17.03 22.12
CA LYS A 106 6.94 16.67 21.23
C LYS A 106 7.34 17.76 20.22
N ALA A 107 6.38 18.35 19.54
CA ALA A 107 6.70 19.42 18.59
C ALA A 107 7.68 20.36 19.27
N GLY A 108 7.34 20.65 20.51
CA GLY A 108 8.16 21.51 21.37
C GLY A 108 9.56 20.90 21.54
N ALA A 109 9.60 19.57 21.58
CA ALA A 109 10.84 18.76 21.77
C ALA A 109 11.99 19.22 20.81
N HIS A 110 11.74 19.09 19.49
CA HIS A 110 12.68 19.51 18.40
C HIS A 110 13.47 20.74 18.87
N LEU A 111 12.68 21.61 19.48
CA LEU A 111 13.15 22.89 19.99
C LEU A 111 14.37 22.66 20.83
N LYS A 112 14.31 21.65 21.63
CA LYS A 112 15.47 21.34 22.41
C LYS A 112 16.50 20.67 21.44
N GLY A 113 16.04 20.06 20.36
CA GLY A 113 16.95 19.44 19.36
C GLY A 113 17.87 20.53 18.76
N GLY A 114 17.25 21.70 18.63
CA GLY A 114 17.81 22.97 18.11
C GLY A 114 16.68 24.04 18.07
N ALA A 115 15.90 23.94 16.98
CA ALA A 115 14.65 24.73 16.60
C ALA A 115 14.44 26.15 17.24
N LYS A 116 13.18 26.66 17.00
CA LYS A 116 12.61 27.99 17.45
C LYS A 116 11.03 27.92 17.46
N ARG A 117 10.41 28.09 16.27
CA ARG A 117 8.94 27.81 16.02
C ARG A 117 8.92 26.55 15.09
N ILE A 118 7.80 25.86 14.96
CA ILE A 118 7.71 24.64 14.10
C ILE A 118 6.29 24.58 13.47
N VAL A 119 6.03 24.45 12.16
CA VAL A 119 4.58 24.28 11.78
C VAL A 119 4.32 22.82 11.53
N ILE A 120 3.13 22.42 11.87
CA ILE A 120 2.82 21.00 11.78
C ILE A 120 1.77 20.72 10.72
N SER A 121 2.19 19.79 9.90
CA SER A 121 1.39 19.28 8.80
C SER A 121 0.48 18.20 9.35
N ALA A 122 -0.58 18.68 9.98
CA ALA A 122 -1.61 17.83 10.57
C ALA A 122 -2.14 18.43 11.87
N PRO A 123 -3.40 18.11 12.20
CA PRO A 123 -4.05 18.60 13.42
C PRO A 123 -3.27 18.16 14.64
N SER A 124 -3.80 18.52 15.82
CA SER A 124 -3.17 18.20 17.12
C SER A 124 -4.19 18.31 18.28
N ALA A 125 -4.06 17.39 19.24
CA ALA A 125 -4.93 17.32 20.45
C ALA A 125 -4.89 18.68 21.15
N ASP A 126 -3.81 18.84 21.87
CA ASP A 126 -3.49 20.08 22.57
C ASP A 126 -2.48 20.83 21.71
N ALA A 127 -2.58 22.14 21.69
CA ALA A 127 -1.64 22.97 20.92
C ALA A 127 -2.40 23.93 20.00
N PRO A 128 -1.80 25.08 19.66
CA PRO A 128 -2.44 26.04 18.79
C PRO A 128 -2.71 25.41 17.46
N MET A 129 -3.88 25.72 16.92
CA MET A 129 -4.31 25.22 15.63
C MET A 129 -4.85 26.35 14.79
N PHE A 130 -4.34 26.37 13.59
CA PHE A 130 -4.70 27.38 12.62
C PHE A 130 -4.74 26.79 11.22
N VAL A 131 -5.18 27.67 10.38
CA VAL A 131 -5.28 27.51 8.95
C VAL A 131 -5.31 28.92 8.40
N MET A 132 -4.86 29.06 7.19
CA MET A 132 -4.84 30.31 6.48
C MET A 132 -6.23 30.86 6.34
N GLY A 133 -7.14 30.00 6.03
CA GLY A 133 -8.39 30.60 5.57
C GLY A 133 -8.93 31.67 6.57
N VAL A 134 -9.27 31.19 7.72
CA VAL A 134 -9.66 31.87 8.99
C VAL A 134 -8.49 32.50 9.83
N ASN A 135 -7.23 32.10 9.60
CA ASN A 135 -6.10 32.35 10.54
C ASN A 135 -6.16 33.74 11.30
N HIS A 136 -6.26 34.87 10.56
CA HIS A 136 -6.37 36.29 11.11
C HIS A 136 -5.37 36.67 12.25
N PHE A 137 -5.79 37.61 13.14
CA PHE A 137 -4.90 38.03 14.27
C PHE A 137 -4.69 36.87 15.21
N LYS A 138 -5.49 35.85 15.02
CA LYS A 138 -5.35 34.63 15.80
C LYS A 138 -3.86 34.46 16.18
N TYR A 139 -3.01 34.39 15.14
CA TYR A 139 -1.55 34.18 15.34
C TYR A 139 -0.86 35.38 15.97
N ALA A 140 -0.10 35.06 17.02
CA ALA A 140 0.69 36.04 17.81
C ALA A 140 1.87 35.37 18.58
N ASN A 141 3.00 36.09 18.50
CA ASN A 141 4.35 35.79 19.08
C ASN A 141 4.35 34.76 20.26
N SER A 142 3.40 34.94 21.18
CA SER A 142 3.24 34.06 22.36
C SER A 142 3.60 32.69 21.91
N LEU A 143 3.52 32.69 20.62
CA LEU A 143 3.72 31.52 19.86
C LEU A 143 5.11 31.38 19.37
N LYS A 144 5.42 30.15 19.68
CA LYS A 144 6.61 29.45 19.38
C LYS A 144 6.23 28.23 18.47
N ILE A 145 5.12 27.50 18.76
CA ILE A 145 4.69 26.35 17.87
C ILE A 145 3.23 26.52 17.37
N ILE A 146 2.97 25.91 16.20
CA ILE A 146 1.67 26.04 15.50
C ILE A 146 1.39 24.88 14.50
N SER A 147 0.11 24.79 14.12
CA SER A 147 -0.39 23.77 13.15
C SER A 147 -1.37 24.40 12.14
N ASN A 148 -1.35 23.80 10.95
CA ASN A 148 -2.23 24.13 9.81
C ASN A 148 -3.21 22.96 9.62
N ALA A 149 -4.46 23.24 9.93
CA ALA A 149 -5.56 22.23 9.86
C ALA A 149 -5.31 21.15 8.80
N SER A 150 -6.03 20.06 9.02
CA SER A 150 -6.01 18.83 8.21
C SER A 150 -6.25 19.16 6.74
N CYS A 151 -5.94 18.17 5.93
CA CYS A 151 -6.11 18.24 4.48
C CYS A 151 -7.50 18.78 4.17
N THR A 152 -8.39 18.08 4.79
CA THR A 152 -9.82 18.24 4.68
C THR A 152 -10.32 19.40 5.57
N THR A 153 -9.82 19.46 6.79
CA THR A 153 -10.24 20.48 7.78
C THR A 153 -9.82 21.92 7.33
N ASN A 154 -8.76 22.01 6.53
CA ASN A 154 -8.26 23.31 6.01
C ASN A 154 -9.13 23.79 4.86
N CYS A 155 -9.68 22.80 4.19
CA CYS A 155 -10.53 23.00 3.03
C CYS A 155 -11.93 23.48 3.40
N LEU A 156 -12.48 22.98 4.49
CA LEU A 156 -13.85 23.40 4.87
C LEU A 156 -13.86 24.79 5.52
N ALA A 157 -12.91 25.04 6.38
CA ALA A 157 -12.82 26.35 7.07
C ALA A 157 -13.15 27.49 6.08
N PRO A 158 -12.59 27.48 4.86
CA PRO A 158 -12.86 28.53 3.89
C PRO A 158 -14.36 28.67 3.58
N LEU A 159 -14.97 27.59 3.09
CA LEU A 159 -16.43 27.58 2.70
C LEU A 159 -17.30 28.17 3.82
N ALA A 160 -16.96 27.79 5.02
CA ALA A 160 -17.66 28.22 6.24
C ALA A 160 -17.66 29.74 6.39
N LYS A 161 -16.50 30.34 6.58
CA LYS A 161 -16.48 31.81 6.81
C LYS A 161 -17.40 32.52 5.81
N VAL A 162 -17.27 32.21 4.54
CA VAL A 162 -18.08 32.87 3.50
C VAL A 162 -19.59 32.56 3.67
N ILE A 163 -19.89 31.34 4.12
CA ILE A 163 -21.28 30.84 4.29
C ILE A 163 -21.91 31.25 5.64
N HIS A 164 -21.25 30.93 6.73
CA HIS A 164 -21.77 31.23 8.09
C HIS A 164 -22.07 32.72 8.26
N ASP A 165 -21.05 33.55 8.09
CA ASP A 165 -21.20 35.01 8.31
C ASP A 165 -22.18 35.67 7.37
N HIS A 166 -22.36 35.13 6.19
CA HIS A 166 -23.27 35.78 5.24
C HIS A 166 -24.70 35.23 5.29
N PHE A 167 -24.91 34.05 5.87
CA PHE A 167 -26.24 33.41 5.67
C PHE A 167 -26.98 32.78 6.87
N GLY A 168 -26.30 32.50 7.94
CA GLY A 168 -26.95 31.89 9.11
C GLY A 168 -26.25 30.59 9.50
N ILE A 169 -26.83 29.50 9.08
CA ILE A 169 -26.33 28.14 9.37
C ILE A 169 -26.59 27.71 10.79
N VAL A 170 -27.48 26.78 10.79
CA VAL A 170 -27.88 26.00 11.92
C VAL A 170 -27.80 24.55 11.47
N GLU A 171 -27.00 23.81 12.17
CA GLU A 171 -26.81 22.38 11.90
C GLU A 171 -26.36 22.16 10.45
N GLY A 172 -25.21 21.51 10.38
CA GLY A 172 -24.55 21.14 9.13
C GLY A 172 -23.65 19.91 9.35
N LEU A 173 -23.85 18.93 8.47
CA LEU A 173 -23.08 17.66 8.48
C LEU A 173 -22.32 17.52 7.13
N MET A 174 -21.29 16.64 7.14
CA MET A 174 -20.38 16.48 5.96
C MET A 174 -19.83 15.04 5.74
N THR A 175 -19.42 14.87 4.47
CA THR A 175 -18.73 13.67 3.93
C THR A 175 -17.66 14.14 2.99
N THR A 176 -16.58 13.42 2.98
CA THR A 176 -15.51 13.74 2.04
C THR A 176 -15.12 12.53 1.25
N VAL A 177 -15.38 12.66 -0.03
CA VAL A 177 -14.97 11.67 -1.01
C VAL A 177 -13.54 12.03 -1.34
N HIS A 178 -12.75 11.34 -0.56
CA HIS A 178 -11.31 11.48 -0.40
C HIS A 178 -10.47 10.63 -1.35
N ALA A 179 -9.25 11.14 -1.50
CA ALA A 179 -8.17 10.51 -2.28
C ALA A 179 -7.30 9.74 -1.28
N ILE A 180 -6.49 8.84 -1.80
CA ILE A 180 -5.71 7.95 -0.95
C ILE A 180 -4.57 8.63 -0.22
N THR A 181 -4.48 8.04 0.94
CA THR A 181 -3.60 8.40 2.04
C THR A 181 -2.34 7.59 2.04
N ALA A 182 -1.58 7.89 3.08
CA ALA A 182 -0.34 7.21 3.36
C ALA A 182 -0.66 5.83 3.92
N THR A 183 -1.67 5.90 4.80
CA THR A 183 -2.19 4.79 5.62
C THR A 183 -3.02 3.75 4.84
N GLN A 184 -3.40 4.07 3.61
CA GLN A 184 -4.20 3.13 2.80
C GLN A 184 -3.32 2.04 2.17
N LYS A 185 -3.86 0.82 2.30
CA LYS A 185 -3.17 -0.44 1.96
C LYS A 185 -3.64 -1.17 0.70
N THR A 186 -2.68 -1.94 0.18
CA THR A 186 -2.85 -2.84 -0.97
C THR A 186 -2.96 -4.29 -0.43
N VAL A 187 -3.89 -5.02 -1.06
CA VAL A 187 -4.36 -6.36 -0.64
C VAL A 187 -5.32 -6.10 0.57
N ASP A 188 -5.26 -6.92 1.61
CA ASP A 188 -6.10 -6.72 2.85
C ASP A 188 -5.16 -6.92 4.05
N SER A 189 -5.48 -6.55 5.29
CA SER A 189 -4.42 -6.77 6.31
C SER A 189 -4.73 -6.32 7.73
N PRO A 190 -3.68 -6.30 8.58
CA PRO A 190 -3.83 -5.84 9.94
C PRO A 190 -4.43 -4.46 9.87
N SER A 191 -3.73 -3.45 10.35
CA SER A 191 -4.29 -2.07 10.27
C SER A 191 -3.82 -1.21 11.41
N GLY A 192 -4.82 -0.91 12.22
CA GLY A 192 -4.64 -0.11 13.42
C GLY A 192 -5.79 0.89 13.70
N LYS A 193 -5.39 1.73 14.65
CA LYS A 193 -6.11 2.85 15.32
C LYS A 193 -7.18 3.60 14.48
N LEU A 194 -8.44 3.64 15.00
CA LEU A 194 -9.54 4.35 14.27
C LEU A 194 -10.13 3.29 13.26
N TRP A 195 -9.33 2.17 13.26
CA TRP A 195 -9.39 0.89 12.39
C TRP A 195 -9.07 1.26 10.89
N ARG A 196 -10.04 1.69 10.09
CA ARG A 196 -9.77 2.12 8.68
C ARG A 196 -9.67 0.95 7.70
N GLY A 197 -9.94 -0.21 8.23
CA GLY A 197 -10.02 -1.44 7.42
C GLY A 197 -8.67 -1.97 6.88
N GLY A 198 -7.66 -1.11 6.59
CA GLY A 198 -6.38 -1.62 6.02
C GLY A 198 -6.81 -2.83 5.24
N ARG A 199 -7.91 -2.49 4.65
CA ARG A 199 -8.80 -3.41 4.03
C ARG A 199 -9.19 -3.02 2.60
N GLY A 200 -8.23 -2.86 1.69
CA GLY A 200 -8.61 -2.57 0.30
C GLY A 200 -7.50 -1.94 -0.53
N ALA A 201 -7.86 -0.77 -1.02
CA ALA A 201 -7.00 0.05 -1.87
C ALA A 201 -7.71 0.35 -3.19
N ALA A 202 -7.45 -0.53 -4.14
CA ALA A 202 -7.96 -0.43 -5.51
C ALA A 202 -9.36 -1.04 -5.68
N GLN A 203 -9.77 -1.84 -4.69
CA GLN A 203 -11.02 -2.63 -4.74
C GLN A 203 -12.27 -1.98 -4.11
N ASN A 204 -12.11 -1.42 -2.91
CA ASN A 204 -13.27 -0.88 -2.14
C ASN A 204 -13.29 0.66 -1.98
N LEU A 205 -14.53 1.12 -1.87
CA LEU A 205 -14.92 2.54 -1.56
C LEU A 205 -15.05 2.52 -0.02
N ILE A 206 -13.98 2.92 0.61
CA ILE A 206 -13.79 2.76 2.07
C ILE A 206 -14.48 3.81 2.97
N PRO A 207 -15.38 3.30 3.87
CA PRO A 207 -16.10 4.12 4.89
C PRO A 207 -15.06 4.72 5.87
N ALA A 208 -15.23 5.97 6.42
CA ALA A 208 -14.15 6.53 7.33
C ALA A 208 -14.55 7.78 8.19
N SER A 209 -13.69 8.01 9.23
CA SER A 209 -13.85 9.09 10.24
C SER A 209 -12.95 10.29 9.96
N THR A 210 -13.45 11.39 10.46
CA THR A 210 -12.85 12.70 10.29
C THR A 210 -13.36 13.62 11.38
N GLY A 211 -12.61 14.69 11.58
CA GLY A 211 -12.90 15.67 12.63
C GLY A 211 -13.06 17.07 12.08
N ALA A 212 -13.92 17.18 11.10
CA ALA A 212 -14.24 18.47 10.53
C ALA A 212 -14.89 19.30 11.63
N ALA A 213 -15.61 18.56 12.46
CA ALA A 213 -16.39 19.09 13.58
C ALA A 213 -15.53 20.00 14.47
N LYS A 214 -14.76 19.36 15.32
CA LYS A 214 -13.87 20.07 16.25
C LYS A 214 -13.04 21.09 15.49
N ALA A 215 -12.48 20.53 14.43
CA ALA A 215 -11.55 21.20 13.51
C ALA A 215 -12.07 22.54 13.00
N VAL A 216 -13.14 22.53 12.24
CA VAL A 216 -13.65 23.80 11.71
C VAL A 216 -14.10 24.70 12.86
N GLY A 217 -14.51 24.05 13.93
CA GLY A 217 -14.96 24.76 15.14
C GLY A 217 -13.93 25.82 15.59
N LYS A 218 -12.72 25.31 15.86
CA LYS A 218 -11.55 26.09 16.37
C LYS A 218 -11.25 27.31 15.51
N VAL A 219 -11.10 26.92 14.30
CA VAL A 219 -10.76 27.74 13.16
C VAL A 219 -11.78 28.91 13.05
N ILE A 220 -13.05 28.59 13.21
CA ILE A 220 -14.13 29.59 13.28
C ILE A 220 -14.95 29.22 14.53
N PRO A 221 -14.70 29.87 15.70
CA PRO A 221 -15.37 29.48 16.91
C PRO A 221 -16.84 29.36 16.58
N GLU A 222 -17.56 30.46 16.62
CA GLU A 222 -18.99 30.43 16.23
C GLU A 222 -19.34 28.94 15.79
N LEU A 223 -19.14 28.57 14.49
CA LEU A 223 -19.30 27.14 14.04
C LEU A 223 -18.55 26.36 15.14
N ASP A 224 -18.59 25.05 15.28
CA ASP A 224 -17.87 24.52 16.46
C ASP A 224 -18.87 23.73 17.34
N GLY A 225 -19.81 23.08 16.66
CA GLY A 225 -20.87 22.28 17.31
C GLY A 225 -22.03 22.11 16.35
N LYS A 226 -22.18 23.14 15.57
CA LYS A 226 -23.16 23.15 14.51
C LYS A 226 -22.56 22.29 13.33
N LEU A 227 -21.41 21.58 13.61
CA LEU A 227 -20.73 20.64 12.62
C LEU A 227 -20.04 19.36 13.23
N THR A 228 -19.94 18.34 12.34
CA THR A 228 -19.26 17.01 12.54
C THR A 228 -19.33 16.26 11.19
N GLY A 229 -18.44 15.28 11.00
CA GLY A 229 -18.46 14.55 9.72
C GLY A 229 -17.63 13.26 9.70
N MET A 230 -17.79 12.63 8.56
CA MET A 230 -17.15 11.38 8.16
C MET A 230 -16.81 11.49 6.66
N ALA A 231 -15.93 10.59 6.21
CA ALA A 231 -15.49 10.56 4.80
C ALA A 231 -15.36 9.12 4.28
N PHE A 232 -15.24 9.00 2.97
CA PHE A 232 -15.01 7.72 2.30
C PHE A 232 -13.86 7.86 1.37
N ARG A 233 -12.89 7.05 1.71
CA ARG A 233 -11.65 6.97 0.99
C ARG A 233 -11.81 6.01 -0.18
N VAL A 234 -11.41 6.51 -1.32
CA VAL A 234 -11.53 5.74 -2.56
C VAL A 234 -10.15 5.60 -3.23
N PRO A 235 -10.02 4.77 -4.29
CA PRO A 235 -8.71 4.51 -4.91
C PRO A 235 -7.98 5.81 -5.30
N THR A 236 -8.72 6.79 -5.75
CA THR A 236 -8.22 8.15 -6.15
C THR A 236 -6.92 8.61 -5.39
N ALA A 237 -5.74 8.48 -6.01
CA ALA A 237 -4.42 8.90 -5.40
C ALA A 237 -4.47 10.40 -4.98
N ASN A 238 -4.25 11.36 -5.89
CA ASN A 238 -4.38 12.78 -5.44
C ASN A 238 -5.67 13.49 -5.88
N VAL A 239 -6.10 14.26 -4.86
CA VAL A 239 -7.29 15.16 -4.78
C VAL A 239 -8.56 14.44 -4.30
N SER A 240 -9.36 15.26 -3.61
CA SER A 240 -10.64 14.87 -2.99
C SER A 240 -11.63 16.06 -3.01
N VAL A 241 -12.92 15.74 -2.79
CA VAL A 241 -14.02 16.76 -2.74
C VAL A 241 -14.78 16.61 -1.41
N LEU A 242 -15.38 17.71 -0.99
CA LEU A 242 -16.10 17.81 0.30
C LEU A 242 -17.58 18.13 0.11
N ASP A 243 -18.39 17.45 0.90
CA ASP A 243 -19.86 17.61 0.89
C ASP A 243 -20.32 18.12 2.26
N LEU A 244 -20.86 19.32 2.20
CA LEU A 244 -21.42 19.99 3.38
C LEU A 244 -22.88 20.28 3.12
N THR A 245 -23.65 19.99 4.12
CA THR A 245 -25.09 20.21 4.10
C THR A 245 -25.44 21.11 5.26
N CYS A 246 -26.29 22.05 4.99
CA CYS A 246 -26.68 23.00 6.02
C CYS A 246 -28.12 23.46 5.92
N ARG A 247 -28.47 23.99 7.05
CA ARG A 247 -29.75 24.61 7.39
C ARG A 247 -29.39 26.04 7.82
N LEU A 248 -29.84 27.04 7.08
CA LEU A 248 -29.44 28.44 7.40
C LEU A 248 -30.60 29.32 7.91
N GLU A 249 -30.15 30.41 8.54
CA GLU A 249 -30.98 31.46 9.19
C GLU A 249 -31.66 32.34 8.14
N LYS A 250 -30.88 33.22 7.55
CA LYS A 250 -31.36 34.07 6.46
C LYS A 250 -31.53 33.17 5.23
N PRO A 251 -32.67 33.24 4.51
CA PRO A 251 -32.94 32.37 3.37
C PRO A 251 -31.95 32.59 2.27
N ALA A 252 -31.75 31.57 1.50
CA ALA A 252 -30.87 31.65 0.35
C ALA A 252 -31.64 31.23 -0.90
N LYS A 253 -30.98 31.45 -1.98
CA LYS A 253 -31.36 30.99 -3.29
C LYS A 253 -30.06 30.49 -3.81
N TYR A 254 -30.11 29.35 -4.38
CA TYR A 254 -28.89 28.79 -4.86
C TYR A 254 -28.16 29.82 -5.73
N ASP A 255 -28.94 30.60 -6.48
CA ASP A 255 -28.35 31.67 -7.30
C ASP A 255 -27.57 32.61 -6.35
N ASP A 256 -28.19 32.90 -5.20
CA ASP A 256 -27.64 33.82 -4.18
C ASP A 256 -26.44 33.25 -3.44
N ILE A 257 -26.59 32.03 -2.98
CA ILE A 257 -25.50 31.38 -2.25
C ILE A 257 -24.25 31.38 -3.15
N LYS A 258 -24.29 30.62 -4.25
CA LYS A 258 -23.14 30.58 -5.15
C LYS A 258 -22.62 32.03 -5.33
N LYS A 259 -23.56 32.97 -5.42
CA LYS A 259 -23.25 34.42 -5.55
C LYS A 259 -22.18 34.83 -4.50
N VAL A 260 -22.56 34.70 -3.21
CA VAL A 260 -21.73 35.09 -2.02
C VAL A 260 -20.26 34.81 -2.23
N VAL A 261 -19.93 33.55 -2.21
CA VAL A 261 -18.55 33.17 -2.41
C VAL A 261 -18.00 33.92 -3.65
N LYS A 262 -18.70 33.93 -4.81
CA LYS A 262 -18.10 34.66 -5.99
C LYS A 262 -17.50 36.02 -5.53
N GLU A 263 -18.39 37.01 -5.25
CA GLU A 263 -17.98 38.42 -4.84
C GLU A 263 -17.01 38.38 -3.64
N ALA A 264 -17.19 37.42 -2.75
CA ALA A 264 -16.32 37.29 -1.56
C ALA A 264 -14.97 36.64 -1.93
N SER A 265 -15.05 35.63 -2.77
CA SER A 265 -13.87 34.88 -3.24
C SER A 265 -12.86 35.85 -3.89
N GLU A 266 -13.38 36.72 -4.74
CA GLU A 266 -12.58 37.73 -5.42
C GLU A 266 -11.83 38.50 -4.34
N GLY A 267 -12.57 38.97 -3.31
CA GLY A 267 -11.88 39.89 -2.42
C GLY A 267 -10.96 39.48 -1.25
N PRO A 268 -11.41 39.23 0.01
CA PRO A 268 -10.45 38.92 1.04
C PRO A 268 -9.68 37.64 0.73
N LEU A 269 -10.40 36.51 0.43
CA LEU A 269 -9.73 35.12 0.27
C LEU A 269 -8.68 34.84 -0.89
N LYS A 270 -9.02 35.05 -2.17
CA LYS A 270 -8.11 34.74 -3.37
C LYS A 270 -7.46 33.30 -3.37
N GLY A 271 -6.39 33.17 -2.56
CA GLY A 271 -5.53 31.94 -2.46
C GLY A 271 -6.25 30.76 -1.78
N ILE A 272 -7.46 31.05 -1.37
CA ILE A 272 -8.34 30.08 -0.72
C ILE A 272 -9.82 30.35 -1.12
N LEU A 273 -10.45 29.26 -1.61
CA LEU A 273 -11.89 29.21 -2.06
C LEU A 273 -11.98 28.76 -3.57
N GLY A 274 -12.10 29.70 -4.54
CA GLY A 274 -12.14 29.33 -6.02
C GLY A 274 -13.36 29.97 -6.75
N TYR A 275 -14.26 29.07 -7.14
CA TYR A 275 -15.55 29.37 -7.78
C TYR A 275 -15.49 29.21 -9.29
N THR A 276 -15.92 28.04 -9.62
CA THR A 276 -15.94 27.56 -10.96
C THR A 276 -17.37 27.25 -11.38
N GLU A 277 -17.93 28.22 -12.09
CA GLU A 277 -19.21 28.03 -12.75
C GLU A 277 -18.92 26.99 -13.80
N ASP A 278 -17.65 27.13 -14.21
CA ASP A 278 -16.96 26.30 -15.22
C ASP A 278 -17.82 24.95 -15.36
N GLU A 279 -17.59 23.74 -14.80
CA GLU A 279 -18.68 22.64 -14.98
C GLU A 279 -18.21 21.21 -14.64
N VAL A 280 -18.24 20.96 -13.35
CA VAL A 280 -17.79 19.70 -12.75
C VAL A 280 -16.59 19.21 -13.52
N VAL A 281 -15.46 19.65 -13.03
CA VAL A 281 -14.17 19.28 -13.61
C VAL A 281 -13.66 17.99 -12.97
N SER A 282 -14.60 17.12 -12.71
CA SER A 282 -14.31 15.80 -12.15
C SER A 282 -13.28 15.89 -10.98
N ASP A 283 -11.99 15.65 -11.26
CA ASP A 283 -10.94 15.67 -10.20
C ASP A 283 -9.61 16.28 -10.71
N ASP A 284 -9.56 16.94 -11.90
CA ASP A 284 -8.22 17.44 -12.37
C ASP A 284 -7.48 18.09 -11.19
N PHE A 285 -7.85 19.32 -10.86
CA PHE A 285 -7.18 20.05 -9.76
C PHE A 285 -5.83 19.32 -9.57
N ASN A 286 -5.50 18.67 -8.49
CA ASN A 286 -4.22 17.95 -8.53
C ASN A 286 -3.14 18.94 -8.92
N GLY A 287 -2.71 19.74 -8.00
CA GLY A 287 -1.72 20.74 -8.32
C GLY A 287 -2.34 21.72 -9.30
N SER A 288 -3.41 22.31 -8.86
CA SER A 288 -4.08 23.33 -9.62
C SER A 288 -3.45 24.70 -9.23
N ASN A 289 -3.02 24.77 -7.97
CA ASN A 289 -2.47 26.01 -7.33
C ASN A 289 -3.68 26.78 -6.72
N HIS A 290 -4.33 26.02 -5.81
CA HIS A 290 -5.60 26.36 -5.11
C HIS A 290 -5.65 25.66 -3.72
N SER A 291 -6.30 26.28 -2.73
CA SER A 291 -6.48 25.60 -1.42
C SER A 291 -7.73 24.72 -1.53
N SER A 292 -8.84 25.30 -1.19
CA SER A 292 -10.13 24.63 -1.34
C SER A 292 -10.85 25.32 -2.50
N ILE A 293 -11.51 24.53 -3.32
CA ILE A 293 -12.25 25.09 -4.44
C ILE A 293 -13.59 24.42 -4.63
N PHE A 294 -14.49 25.35 -4.62
CA PHE A 294 -15.91 25.23 -4.80
C PHE A 294 -16.27 25.70 -6.16
N ASP A 295 -17.48 25.39 -6.43
CA ASP A 295 -18.09 25.67 -7.68
C ASP A 295 -19.58 25.63 -7.55
N ALA A 296 -20.17 26.35 -8.46
CA ALA A 296 -21.59 26.35 -8.66
C ALA A 296 -21.84 25.20 -9.65
N GLY A 297 -23.05 24.71 -9.66
CA GLY A 297 -23.43 23.57 -10.49
C GLY A 297 -23.46 22.32 -9.60
N ALA A 298 -22.36 21.59 -9.66
CA ALA A 298 -22.13 20.37 -8.86
C ALA A 298 -23.44 19.70 -8.38
N GLY A 299 -23.43 19.36 -7.09
CA GLY A 299 -24.54 18.67 -6.41
C GLY A 299 -25.31 19.65 -5.54
N ILE A 300 -25.61 20.75 -6.17
CA ILE A 300 -26.32 21.87 -5.57
C ILE A 300 -27.84 21.78 -5.89
N GLU A 301 -28.62 21.94 -4.83
CA GLU A 301 -30.12 21.97 -4.84
C GLU A 301 -30.56 22.86 -3.63
N LEU A 302 -31.67 23.64 -3.79
CA LEU A 302 -32.06 24.65 -2.73
C LEU A 302 -33.57 24.66 -2.29
N ASN A 303 -33.71 25.28 -1.08
CA ASN A 303 -34.97 25.47 -0.30
C ASN A 303 -34.66 26.32 1.00
N ASP A 304 -35.29 27.52 1.01
CA ASP A 304 -35.10 28.62 2.04
C ASP A 304 -33.96 28.27 3.04
N THR A 305 -34.26 27.40 3.98
CA THR A 305 -33.33 27.07 5.08
C THR A 305 -32.51 25.79 4.79
N PHE A 306 -33.02 24.87 3.99
CA PHE A 306 -32.23 23.66 3.64
C PHE A 306 -31.54 23.84 2.29
N VAL A 307 -30.32 23.32 2.30
CA VAL A 307 -29.41 23.32 1.15
C VAL A 307 -28.21 22.40 1.42
N LYS A 308 -27.78 21.71 0.35
CA LYS A 308 -26.51 20.95 0.33
C LYS A 308 -25.53 21.78 -0.50
N LEU A 309 -24.27 21.77 -0.17
CA LEU A 309 -23.29 22.54 -0.97
C LEU A 309 -22.00 21.76 -1.11
N VAL A 310 -21.20 22.06 -2.14
CA VAL A 310 -19.98 21.25 -2.32
C VAL A 310 -18.76 22.05 -2.81
N SER A 311 -17.66 21.70 -2.11
CA SER A 311 -16.29 22.25 -2.23
C SER A 311 -15.33 21.22 -2.88
N TRP A 312 -14.01 21.38 -2.62
CA TRP A 312 -12.98 20.46 -3.19
C TRP A 312 -11.64 20.46 -2.41
N TYR A 313 -10.60 19.88 -3.04
CA TYR A 313 -9.31 19.70 -2.31
C TYR A 313 -8.04 19.99 -3.07
N ASP A 314 -7.50 19.01 -3.75
CA ASP A 314 -6.20 19.28 -4.28
C ASP A 314 -5.31 19.01 -3.04
N ASN A 315 -5.91 18.20 -2.11
CA ASN A 315 -5.33 17.88 -0.77
C ASN A 315 -3.81 17.95 -0.87
N GLU A 316 -3.18 16.84 -0.65
CA GLU A 316 -1.71 16.75 -0.73
C GLU A 316 -1.08 18.15 -0.79
N PHE A 317 -1.14 18.64 -2.02
CA PHE A 317 -0.54 19.91 -2.49
C PHE A 317 -1.21 21.15 -1.89
N GLY A 318 -2.38 21.48 -2.42
CA GLY A 318 -3.12 22.63 -1.94
C GLY A 318 -2.66 22.94 -0.53
N TYR A 319 -2.63 21.86 0.24
CA TYR A 319 -2.21 21.90 1.62
C TYR A 319 -0.80 22.42 1.72
N SER A 320 0.04 21.67 1.05
CA SER A 320 1.45 21.95 0.97
C SER A 320 1.64 23.42 0.68
N GLU A 321 0.67 23.99 0.00
CA GLU A 321 0.76 25.41 -0.37
C GLU A 321 0.32 26.34 0.76
N ARG A 322 -0.58 25.93 1.63
CA ARG A 322 -0.98 26.85 2.72
C ARG A 322 0.01 26.79 3.89
N VAL A 323 0.81 25.74 3.94
CA VAL A 323 1.82 25.62 5.03
C VAL A 323 2.75 26.81 4.92
N VAL A 324 3.22 26.89 3.70
CA VAL A 324 4.13 27.90 3.20
C VAL A 324 3.50 29.27 3.32
N ASP A 325 2.24 29.29 2.95
CA ASP A 325 1.44 30.50 3.03
C ASP A 325 1.30 30.86 4.51
N LEU A 326 1.43 29.83 5.32
CA LEU A 326 1.38 29.95 6.79
C LEU A 326 2.77 30.29 7.31
N MET A 327 3.75 29.55 6.80
CA MET A 327 5.17 29.79 7.14
C MET A 327 5.48 31.25 6.90
N ALA A 328 4.91 31.70 5.81
CA ALA A 328 5.04 33.08 5.31
C ALA A 328 4.64 34.09 6.39
N HIS A 329 3.36 34.05 6.67
CA HIS A 329 2.66 34.92 7.66
C HIS A 329 3.30 34.77 9.05
N MET A 330 3.57 33.52 9.41
CA MET A 330 4.15 33.15 10.72
C MET A 330 5.45 33.95 11.01
N ALA A 331 6.44 33.76 10.14
CA ALA A 331 7.77 34.43 10.24
C ALA A 331 7.57 35.94 10.47
N SER A 332 6.87 36.49 9.52
CA SER A 332 6.48 37.90 9.47
C SER A 332 6.36 38.53 10.88
N LYS A 333 5.28 38.13 11.57
CA LYS A 333 4.86 38.62 12.94
C LYS A 333 6.07 38.58 14.00
N GLU A 334 6.10 37.47 14.72
CA GLU A 334 7.08 36.90 15.77
C GLU A 334 8.12 37.69 16.60
N GLY B 1 -9.73 -32.09 11.25
CA GLY B 1 -8.38 -32.63 11.36
C GLY B 1 -7.89 -33.24 9.99
N LYS B 2 -6.67 -33.82 10.06
CA LYS B 2 -5.83 -34.42 8.96
C LYS B 2 -4.40 -34.46 9.54
N VAL B 3 -3.43 -34.17 8.71
CA VAL B 3 -2.00 -34.11 9.08
C VAL B 3 -1.78 -33.65 10.57
N LYS B 4 -1.40 -32.39 10.75
CA LYS B 4 -1.11 -31.80 12.09
C LYS B 4 -0.21 -30.56 11.89
N VAL B 5 -0.86 -29.45 11.52
CA VAL B 5 -0.16 -28.17 11.20
C VAL B 5 -0.47 -27.01 12.14
N GLY B 6 0.43 -26.06 11.98
CA GLY B 6 0.44 -24.72 12.58
C GLY B 6 0.82 -23.77 11.43
N VAL B 7 0.72 -22.46 11.61
CA VAL B 7 1.04 -21.52 10.51
C VAL B 7 1.59 -20.19 11.07
N ASP B 8 2.51 -19.64 10.28
CA ASP B 8 3.29 -18.44 10.59
C ASP B 8 3.02 -17.32 9.62
N GLY B 9 2.12 -16.49 9.99
CA GLY B 9 1.85 -15.36 9.14
C GLY B 9 0.45 -15.44 8.61
N PHE B 10 -0.45 -15.29 9.53
CA PHE B 10 -1.81 -15.14 9.15
C PHE B 10 -1.83 -13.93 8.27
N GLY B 11 -1.90 -14.23 7.00
CA GLY B 11 -1.89 -13.20 5.97
C GLY B 11 -1.79 -13.82 4.58
N ARG B 12 -2.70 -13.31 3.77
CA ARG B 12 -2.86 -13.65 2.34
C ARG B 12 -2.54 -15.10 2.09
N ILE B 13 -1.26 -15.34 2.03
CA ILE B 13 -0.70 -16.67 1.88
C ILE B 13 -1.12 -17.55 3.07
N GLY B 14 -1.04 -17.01 4.27
CA GLY B 14 -1.43 -17.81 5.44
C GLY B 14 -2.90 -18.29 5.36
N ARG B 15 -3.79 -17.34 5.08
CA ARG B 15 -5.25 -17.61 5.08
C ARG B 15 -5.63 -18.76 4.16
N LEU B 16 -5.21 -18.76 2.90
CA LEU B 16 -5.54 -19.94 2.09
C LEU B 16 -4.89 -21.14 2.71
N VAL B 17 -3.61 -21.05 2.99
CA VAL B 17 -3.03 -22.23 3.58
C VAL B 17 -3.87 -22.51 4.85
N THR B 18 -4.17 -21.56 5.74
CA THR B 18 -5.11 -21.96 6.84
C THR B 18 -6.46 -22.39 6.21
N ARG B 19 -6.92 -21.61 5.25
CA ARG B 19 -8.24 -21.79 4.60
C ARG B 19 -8.40 -23.20 3.97
N ALA B 20 -7.47 -23.47 3.07
CA ALA B 20 -7.38 -24.70 2.25
C ALA B 20 -7.09 -25.97 3.01
N ALA B 21 -6.08 -25.88 3.83
CA ALA B 21 -5.61 -27.06 4.50
C ALA B 21 -6.85 -27.70 5.03
N PHE B 22 -7.68 -26.83 5.53
CA PHE B 22 -8.96 -27.26 6.08
C PHE B 22 -9.99 -27.87 5.08
N ASN B 23 -10.52 -27.05 4.13
CA ASN B 23 -11.53 -27.56 3.15
C ASN B 23 -10.94 -28.52 2.07
N SER B 24 -9.78 -28.22 1.43
CA SER B 24 -9.20 -29.18 0.37
C SER B 24 -8.67 -30.58 0.92
N GLY B 25 -7.58 -30.49 1.73
CA GLY B 25 -6.93 -31.58 2.56
C GLY B 25 -7.66 -31.91 3.89
N LYS B 26 -7.87 -30.77 4.58
CA LYS B 26 -8.38 -30.65 5.96
C LYS B 26 -7.24 -30.88 6.92
N VAL B 27 -6.75 -32.05 6.69
CA VAL B 27 -5.64 -32.66 7.40
C VAL B 27 -5.31 -31.89 8.68
N ASP B 28 -5.95 -32.52 9.68
CA ASP B 28 -5.93 -32.27 11.14
C ASP B 28 -6.23 -30.84 11.55
N ILE B 29 -6.12 -30.67 12.86
CA ILE B 29 -6.30 -29.38 13.54
C ILE B 29 -5.05 -28.55 13.29
N VAL B 30 -4.78 -27.61 14.19
CA VAL B 30 -3.61 -26.74 14.03
C VAL B 30 -3.36 -25.84 15.28
N ALA B 31 -3.02 -24.59 14.91
CA ALA B 31 -2.69 -23.44 15.80
C ALA B 31 -2.16 -22.28 14.93
N ILE B 32 -2.27 -21.04 15.42
CA ILE B 32 -1.84 -19.84 14.65
C ILE B 32 -0.84 -18.94 15.44
N ASN B 33 0.34 -18.78 14.81
CA ASN B 33 1.48 -17.96 15.29
C ASN B 33 1.31 -16.57 14.73
N ASP B 34 0.52 -15.71 15.30
CA ASP B 34 0.43 -14.43 14.63
C ASP B 34 0.62 -13.19 15.49
N PRO B 35 1.88 -12.75 15.69
CA PRO B 35 2.16 -11.52 16.39
C PRO B 35 1.69 -10.40 15.53
N PHE B 36 0.89 -9.47 16.00
CA PHE B 36 0.50 -8.34 15.10
C PHE B 36 -0.85 -8.66 14.30
N ILE B 37 -1.68 -9.50 14.94
CA ILE B 37 -3.12 -9.88 14.62
C ILE B 37 -3.55 -10.67 15.83
N ASP B 38 -4.66 -10.25 16.37
CA ASP B 38 -5.17 -10.74 17.65
C ASP B 38 -6.37 -11.69 17.54
N LEU B 39 -6.63 -12.29 18.70
CA LEU B 39 -7.74 -13.24 18.90
C LEU B 39 -8.74 -13.07 17.80
N HIS B 40 -9.30 -11.90 17.89
CA HIS B 40 -10.37 -11.43 17.06
C HIS B 40 -9.99 -11.23 15.60
N TYR B 41 -8.95 -10.48 15.35
CA TYR B 41 -8.56 -10.18 13.98
C TYR B 41 -8.57 -11.50 13.16
N MET B 42 -7.97 -12.53 13.66
CA MET B 42 -8.00 -13.76 12.91
C MET B 42 -9.42 -14.09 12.48
N VAL B 43 -10.44 -13.88 13.30
CA VAL B 43 -11.79 -14.29 12.80
C VAL B 43 -12.11 -13.55 11.45
N TYR B 44 -12.23 -12.26 11.46
CA TYR B 44 -12.54 -11.39 10.27
C TYR B 44 -11.67 -11.69 9.00
N MET B 45 -10.40 -11.23 9.20
CA MET B 45 -9.20 -11.28 8.28
C MET B 45 -9.18 -12.52 7.39
N PHE B 46 -9.12 -13.62 8.09
CA PHE B 46 -9.13 -14.96 7.51
C PHE B 46 -10.38 -15.10 6.64
N GLN B 47 -11.51 -14.98 7.39
CA GLN B 47 -12.89 -15.14 6.86
C GLN B 47 -13.13 -14.20 5.62
N TYR B 48 -12.87 -12.87 5.79
CA TYR B 48 -13.10 -11.84 4.72
C TYR B 48 -11.86 -11.40 3.91
N ASP B 49 -11.80 -11.82 2.63
CA ASP B 49 -10.72 -11.42 1.70
C ASP B 49 -11.30 -11.02 0.34
N SER B 50 -11.04 -9.74 0.07
CA SER B 50 -11.52 -8.98 -1.09
C SER B 50 -11.07 -9.49 -2.40
N THR B 51 -10.11 -10.28 -2.32
CA THR B 51 -9.57 -10.83 -3.49
C THR B 51 -10.32 -12.22 -3.72
N HIS B 52 -10.67 -13.00 -2.67
CA HIS B 52 -11.31 -14.35 -2.95
C HIS B 52 -12.84 -14.53 -2.55
N GLY B 53 -13.53 -13.52 -2.01
CA GLY B 53 -14.95 -13.71 -1.52
C GLY B 53 -14.93 -13.54 0.02
N LYS B 54 -15.80 -14.18 0.80
CA LYS B 54 -15.75 -14.13 2.31
C LYS B 54 -15.39 -15.58 2.76
N PHE B 55 -15.48 -16.00 4.03
CA PHE B 55 -15.19 -17.46 4.30
C PHE B 55 -16.47 -18.35 4.05
N HIS B 56 -17.30 -18.47 5.12
CA HIS B 56 -18.55 -19.32 5.21
C HIS B 56 -18.37 -20.18 6.46
N GLY B 57 -19.18 -21.15 6.73
CA GLY B 57 -18.99 -21.97 7.93
C GLY B 57 -19.39 -21.20 9.21
N THR B 58 -18.44 -20.53 9.73
CA THR B 58 -18.53 -19.77 10.95
C THR B 58 -17.12 -19.82 11.49
N VAL B 59 -16.52 -18.68 11.44
CA VAL B 59 -15.20 -18.45 11.99
C VAL B 59 -15.41 -17.56 13.19
N LYS B 60 -15.32 -18.21 14.34
CA LYS B 60 -15.60 -17.52 15.60
C LYS B 60 -14.59 -17.78 16.73
N ALA B 61 -14.78 -16.79 17.62
CA ALA B 61 -14.02 -16.52 18.85
C ALA B 61 -14.73 -17.06 20.10
N GLU B 62 -14.17 -18.20 20.43
CA GLU B 62 -14.45 -19.03 21.57
C GLU B 62 -13.08 -19.37 22.23
N ASP B 63 -13.16 -20.27 23.20
CA ASP B 63 -12.08 -20.59 24.17
C ASP B 63 -10.61 -20.79 23.69
N GLY B 64 -9.95 -19.69 24.19
CA GLY B 64 -8.51 -19.32 24.13
C GLY B 64 -8.06 -19.12 22.71
N LYS B 65 -8.97 -19.46 21.83
CA LYS B 65 -8.66 -19.48 20.41
C LYS B 65 -9.88 -19.24 19.55
N LEU B 66 -9.65 -19.71 18.36
CA LEU B 66 -10.59 -19.61 17.28
C LEU B 66 -11.11 -21.00 16.92
N VAL B 67 -12.38 -20.99 16.57
CA VAL B 67 -13.07 -22.17 16.09
C VAL B 67 -13.48 -21.88 14.66
N ILE B 68 -12.71 -22.48 13.81
CA ILE B 68 -12.93 -22.40 12.40
C ILE B 68 -13.66 -23.64 12.07
N ASP B 69 -14.94 -23.39 12.00
CA ASP B 69 -15.76 -24.44 11.62
C ASP B 69 -15.55 -25.51 12.76
N GLY B 70 -15.50 -25.04 14.06
CA GLY B 70 -15.44 -25.89 15.36
C GLY B 70 -14.05 -26.49 15.66
N LYS B 71 -13.45 -27.06 14.61
CA LYS B 71 -12.10 -27.63 14.68
C LYS B 71 -11.20 -26.55 15.33
N ALA B 72 -11.04 -26.78 16.65
CA ALA B 72 -10.29 -25.94 17.63
C ALA B 72 -8.86 -25.58 17.15
N ILE B 73 -8.74 -24.30 16.82
CA ILE B 73 -7.52 -23.61 16.34
C ILE B 73 -7.14 -22.55 17.44
N THR B 74 -5.84 -22.24 17.65
CA THR B 74 -5.38 -21.27 18.73
C THR B 74 -4.63 -20.09 18.18
N ILE B 75 -4.49 -19.04 18.92
CA ILE B 75 -3.61 -17.98 18.43
C ILE B 75 -2.48 -17.79 19.45
N PHE B 76 -1.32 -17.76 18.81
CA PHE B 76 -0.02 -17.62 19.45
C PHE B 76 0.59 -16.28 19.07
N GLN B 77 0.74 -15.48 20.13
CA GLN B 77 1.27 -14.13 20.00
C GLN B 77 2.75 -14.14 19.56
N GLU B 78 3.71 -14.21 20.43
CA GLU B 78 5.19 -14.20 20.04
C GLU B 78 5.58 -13.94 18.49
N ARG B 79 6.64 -13.07 18.54
CA ARG B 79 7.52 -12.46 17.52
C ARG B 79 8.95 -12.80 17.97
N ASP B 80 9.34 -13.79 17.20
CA ASP B 80 10.54 -14.61 17.27
C ASP B 80 10.04 -15.99 17.58
N PRO B 81 9.95 -16.81 16.53
CA PRO B 81 9.36 -18.13 16.60
C PRO B 81 9.98 -19.02 17.66
N GLU B 82 11.29 -19.08 17.80
CA GLU B 82 11.82 -19.99 18.83
C GLU B 82 11.03 -19.66 20.03
N ASN B 83 10.89 -18.39 20.10
CA ASN B 83 10.13 -17.81 21.12
C ASN B 83 8.72 -18.42 21.13
N ILE B 84 7.97 -18.66 20.03
CA ILE B 84 6.70 -18.92 20.59
C ILE B 84 6.61 -20.27 21.38
N LYS B 85 5.75 -21.28 21.01
CA LYS B 85 5.82 -22.69 21.51
C LYS B 85 6.03 -23.77 20.47
N TRP B 86 4.84 -23.74 19.77
CA TRP B 86 4.35 -24.68 18.72
C TRP B 86 4.06 -26.14 19.26
N GLY B 87 4.77 -26.54 20.32
CA GLY B 87 4.67 -27.91 20.92
C GLY B 87 3.23 -28.24 21.33
N ASP B 88 2.49 -27.20 21.61
CA ASP B 88 1.11 -27.30 22.04
C ASP B 88 0.21 -27.19 20.82
N ALA B 89 -0.52 -28.27 20.70
CA ALA B 89 -1.42 -28.53 19.60
C ALA B 89 -0.84 -29.71 18.84
N GLY B 90 0.43 -29.94 19.17
CA GLY B 90 1.23 -30.96 18.50
C GLY B 90 1.07 -30.70 17.04
N THR B 91 1.91 -29.80 16.65
CA THR B 91 1.89 -29.19 15.34
C THR B 91 3.20 -29.52 14.61
N ALA B 92 3.40 -30.81 14.58
CA ALA B 92 4.56 -31.51 13.99
C ALA B 92 5.09 -30.87 12.66
N TYR B 93 4.22 -30.65 11.68
CA TYR B 93 4.56 -30.00 10.35
C TYR B 93 3.91 -28.55 10.33
N VAL B 94 4.68 -27.42 10.29
CA VAL B 94 4.10 -25.97 10.33
C VAL B 94 4.32 -25.23 8.98
N VAL B 95 3.51 -24.34 8.47
CA VAL B 95 4.01 -23.60 7.23
C VAL B 95 4.29 -22.14 7.64
N GLU B 96 5.28 -21.48 7.08
CA GLU B 96 5.46 -20.04 7.45
C GLU B 96 5.35 -19.14 6.19
N SER B 97 4.77 -17.97 6.43
CA SER B 97 4.68 -16.85 5.45
C SER B 97 5.77 -15.84 5.90
N THR B 98 5.31 -14.73 6.53
CA THR B 98 6.19 -13.76 7.31
C THR B 98 6.89 -12.61 6.54
N GLY B 99 7.77 -13.04 5.68
CA GLY B 99 8.67 -12.20 4.90
C GLY B 99 10.10 -12.68 5.19
N VAL B 100 10.57 -12.22 6.32
CA VAL B 100 11.93 -12.44 6.86
C VAL B 100 12.39 -13.94 6.83
N PHE B 101 11.81 -14.75 7.71
CA PHE B 101 12.12 -16.21 7.85
C PHE B 101 12.09 -16.98 6.51
N THR B 102 13.21 -17.54 6.19
CA THR B 102 13.45 -18.34 4.99
C THR B 102 14.98 -18.68 5.17
N THR B 103 15.38 -19.96 5.04
CA THR B 103 16.82 -20.44 5.24
C THR B 103 16.86 -21.58 6.28
N MET B 104 17.78 -22.57 6.14
CA MET B 104 17.81 -23.62 7.20
C MET B 104 18.03 -22.97 8.55
N GLU B 105 19.06 -22.14 8.68
CA GLU B 105 19.31 -21.56 10.01
C GLU B 105 17.93 -21.37 10.73
N LYS B 106 17.18 -20.31 10.28
CA LYS B 106 15.87 -19.80 10.86
C LYS B 106 14.68 -20.76 10.85
N ALA B 107 14.13 -21.07 9.69
CA ALA B 107 13.04 -22.02 9.67
C ALA B 107 13.53 -23.22 10.46
N GLY B 108 14.70 -23.66 10.14
CA GLY B 108 15.30 -24.74 10.89
C GLY B 108 15.15 -24.46 12.42
N ALA B 109 15.05 -23.14 12.77
CA ALA B 109 15.06 -22.58 14.20
C ALA B 109 13.85 -22.95 15.11
N HIS B 110 12.72 -22.98 14.50
CA HIS B 110 11.41 -23.21 15.12
C HIS B 110 11.30 -24.29 16.17
N LEU B 111 11.85 -25.40 15.72
CA LEU B 111 11.86 -26.65 16.44
C LEU B 111 12.17 -26.43 17.92
N LYS B 112 12.90 -25.39 18.25
CA LYS B 112 13.23 -25.17 19.67
C LYS B 112 11.90 -25.06 20.47
N GLY B 113 10.94 -24.32 19.99
CA GLY B 113 9.63 -24.18 20.68
C GLY B 113 8.82 -25.51 20.60
N GLY B 114 8.97 -26.22 19.48
CA GLY B 114 8.29 -27.51 19.24
C GLY B 114 8.64 -28.11 17.85
N ALA B 115 7.89 -27.63 16.83
CA ALA B 115 7.99 -28.02 15.36
C ALA B 115 8.63 -29.44 15.15
N LYS B 116 8.73 -29.89 13.86
CA LYS B 116 9.32 -31.22 13.44
C LYS B 116 9.96 -31.07 12.04
N ARG B 117 9.03 -30.96 11.10
CA ARG B 117 9.25 -30.63 9.70
C ARG B 117 8.46 -29.31 9.51
N ILE B 118 9.04 -28.41 8.77
CA ILE B 118 8.49 -27.07 8.52
C ILE B 118 8.31 -26.90 6.98
N VAL B 119 7.22 -26.46 6.41
CA VAL B 119 7.24 -26.20 4.92
C VAL B 119 7.19 -24.65 4.74
N ILE B 120 7.99 -24.03 3.87
CA ILE B 120 7.88 -22.54 3.71
C ILE B 120 7.37 -22.10 2.37
N SER B 121 6.73 -20.96 2.46
CA SER B 121 6.14 -20.27 1.34
C SER B 121 7.11 -19.23 0.82
N ALA B 122 7.98 -19.73 -0.05
CA ALA B 122 8.98 -18.91 -0.71
C ALA B 122 10.33 -19.61 -0.78
N PRO B 123 11.12 -19.23 -1.78
CA PRO B 123 12.43 -19.79 -1.96
C PRO B 123 13.30 -19.53 -0.77
N SER B 124 14.53 -19.98 -0.95
CA SER B 124 15.63 -19.83 -0.01
C SER B 124 16.92 -20.26 -0.69
N ALA B 125 17.93 -19.47 -0.41
CA ALA B 125 19.30 -19.66 -0.92
C ALA B 125 19.83 -20.99 -0.42
N ASP B 126 19.76 -20.99 0.89
CA ASP B 126 20.19 -22.02 1.82
C ASP B 126 19.01 -23.00 2.11
N ALA B 127 19.00 -24.25 1.60
CA ALA B 127 17.90 -25.18 2.02
C ALA B 127 17.22 -26.00 0.92
N PRO B 128 16.59 -27.14 1.31
CA PRO B 128 15.83 -27.97 0.38
C PRO B 128 14.68 -27.17 -0.21
N MET B 129 14.58 -27.24 -1.53
CA MET B 129 13.54 -26.54 -2.31
C MET B 129 12.79 -27.53 -3.21
N PHE B 130 11.48 -27.32 -3.26
CA PHE B 130 10.57 -28.13 -4.03
C PHE B 130 9.44 -27.30 -4.63
N VAL B 131 8.57 -28.11 -5.11
CA VAL B 131 7.29 -27.80 -5.68
C VAL B 131 6.65 -29.15 -5.94
N MET B 132 5.40 -29.01 -6.18
CA MET B 132 4.51 -30.06 -6.53
C MET B 132 4.94 -30.72 -7.79
N GLY B 133 5.23 -29.87 -8.76
CA GLY B 133 5.34 -30.43 -10.10
C GLY B 133 6.43 -31.49 -10.26
N VAL B 134 7.69 -31.09 -10.17
CA VAL B 134 8.91 -32.00 -10.23
C VAL B 134 9.26 -32.85 -8.94
N ASN B 135 8.84 -32.44 -7.74
CA ASN B 135 9.34 -32.97 -6.40
C ASN B 135 9.68 -34.48 -6.31
N HIS B 136 8.82 -35.32 -6.89
CA HIS B 136 8.98 -36.80 -6.92
C HIS B 136 9.59 -37.35 -5.61
N PHE B 137 10.49 -38.28 -5.85
CA PHE B 137 11.20 -39.07 -4.84
C PHE B 137 12.25 -38.21 -4.09
N LYS B 138 12.51 -37.04 -4.67
CA LYS B 138 13.42 -36.03 -4.10
C LYS B 138 13.12 -35.92 -2.58
N TYR B 139 11.84 -35.71 -2.17
CA TYR B 139 11.55 -35.56 -0.70
C TYR B 139 11.88 -36.81 0.10
N ALA B 140 12.86 -36.57 0.94
CA ALA B 140 13.47 -37.61 1.78
C ALA B 140 13.44 -37.24 3.26
N ASN B 141 12.76 -38.19 3.89
CA ASN B 141 12.50 -38.28 5.35
C ASN B 141 13.70 -37.71 6.14
N SER B 142 14.80 -37.97 5.46
CA SER B 142 16.16 -37.63 5.80
C SER B 142 16.16 -36.09 6.10
N LEU B 143 15.10 -35.52 5.54
CA LEU B 143 14.82 -34.10 5.50
C LEU B 143 13.94 -33.66 6.63
N LYS B 144 14.42 -32.60 7.12
CA LYS B 144 13.82 -31.94 8.19
C LYS B 144 13.00 -30.73 7.65
N ILE B 145 13.43 -29.91 6.70
CA ILE B 145 12.59 -28.73 6.31
C ILE B 145 12.45 -28.62 4.79
N ILE B 146 11.42 -27.99 4.30
CA ILE B 146 11.21 -27.97 2.85
C ILE B 146 10.56 -26.63 2.44
N SER B 147 10.85 -26.16 1.23
CA SER B 147 10.29 -24.90 0.72
C SER B 147 9.45 -25.20 -0.55
N ASN B 148 8.53 -24.29 -0.86
CA ASN B 148 7.70 -24.38 -2.09
C ASN B 148 8.00 -23.09 -2.87
N ALA B 149 8.80 -23.35 -3.89
CA ALA B 149 9.26 -22.36 -4.85
C ALA B 149 8.22 -21.28 -4.99
N SER B 150 8.65 -20.16 -5.46
CA SER B 150 7.80 -19.00 -5.53
C SER B 150 6.61 -19.16 -6.45
N CYS B 151 5.80 -18.13 -6.39
CA CYS B 151 4.65 -17.98 -7.26
C CYS B 151 5.12 -18.36 -8.66
N THR B 152 5.87 -17.40 -9.15
CA THR B 152 6.55 -17.42 -10.42
C THR B 152 7.10 -18.87 -10.63
N THR B 153 8.21 -19.06 -9.97
CA THR B 153 9.05 -20.27 -9.92
C THR B 153 8.27 -21.65 -9.91
N ASN B 154 7.12 -21.76 -9.20
CA ASN B 154 6.33 -23.05 -9.11
C ASN B 154 5.48 -23.27 -10.33
N CYS B 155 4.93 -22.19 -10.82
CA CYS B 155 4.15 -22.25 -12.04
C CYS B 155 5.09 -22.45 -13.24
N LEU B 156 6.26 -21.82 -13.25
CA LEU B 156 7.17 -22.05 -14.39
C LEU B 156 7.37 -23.57 -14.56
N ALA B 157 7.98 -24.13 -13.52
CA ALA B 157 8.35 -25.57 -13.37
C ALA B 157 7.40 -26.53 -14.10
N PRO B 158 6.05 -26.48 -13.91
CA PRO B 158 5.19 -27.39 -14.62
C PRO B 158 5.50 -27.33 -16.14
N LEU B 159 5.52 -26.14 -16.79
CA LEU B 159 5.77 -26.03 -18.28
C LEU B 159 7.04 -26.78 -18.72
N ALA B 160 8.08 -26.54 -17.92
CA ALA B 160 9.42 -27.12 -18.11
C ALA B 160 9.31 -28.63 -18.41
N LYS B 161 9.01 -29.48 -17.43
CA LYS B 161 8.88 -30.95 -17.67
C LYS B 161 8.42 -31.23 -19.13
N VAL B 162 7.11 -31.18 -19.32
CA VAL B 162 6.40 -31.45 -20.62
C VAL B 162 7.18 -30.98 -21.87
N ILE B 163 7.54 -29.67 -21.84
CA ILE B 163 8.24 -28.97 -22.97
C ILE B 163 9.72 -29.36 -23.04
N HIS B 164 10.56 -29.19 -22.02
CA HIS B 164 11.95 -29.64 -22.23
C HIS B 164 11.94 -31.15 -22.33
N ASP B 165 11.16 -31.92 -21.55
CA ASP B 165 11.34 -33.36 -21.79
C ASP B 165 11.01 -33.73 -23.22
N HIS B 166 10.14 -33.05 -23.90
CA HIS B 166 9.78 -33.59 -25.22
C HIS B 166 10.35 -32.89 -26.43
N PHE B 167 10.81 -31.68 -26.32
CA PHE B 167 11.26 -31.06 -27.55
C PHE B 167 12.57 -30.35 -27.52
N GLY B 168 13.37 -30.58 -26.56
CA GLY B 168 14.68 -29.96 -26.66
C GLY B 168 14.91 -28.80 -25.70
N ILE B 169 14.54 -27.61 -26.03
CA ILE B 169 14.96 -26.42 -25.23
C ILE B 169 16.42 -26.50 -24.87
N VAL B 170 16.96 -25.52 -25.42
CA VAL B 170 18.30 -25.08 -25.33
C VAL B 170 18.04 -23.52 -25.34
N GLU B 171 18.58 -22.72 -24.43
CA GLU B 171 18.34 -21.20 -24.43
C GLU B 171 16.80 -20.84 -24.54
N GLY B 172 16.36 -20.32 -23.38
CA GLY B 172 15.02 -19.84 -23.06
C GLY B 172 15.11 -18.80 -21.90
N LEU B 173 14.32 -17.74 -22.15
CA LEU B 173 14.13 -16.51 -21.31
C LEU B 173 12.58 -16.31 -21.13
N MET B 174 12.21 -15.52 -20.09
CA MET B 174 10.81 -15.17 -19.73
C MET B 174 10.68 -13.85 -18.93
N THR B 175 9.41 -13.43 -18.87
CA THR B 175 8.88 -12.32 -18.03
C THR B 175 7.52 -12.73 -17.55
N THR B 176 7.21 -12.23 -16.40
CA THR B 176 5.87 -12.40 -15.89
C THR B 176 5.31 -11.09 -15.41
N VAL B 177 4.10 -10.92 -15.99
CA VAL B 177 3.15 -9.86 -15.67
C VAL B 177 2.13 -10.47 -14.74
N HIS B 178 2.46 -9.92 -13.60
CA HIS B 178 2.07 -10.25 -12.28
C HIS B 178 1.07 -9.33 -11.59
N ALA B 179 0.51 -9.93 -10.55
CA ALA B 179 -0.44 -9.31 -9.64
C ALA B 179 0.35 -8.71 -8.50
N ILE B 180 -0.21 -7.69 -7.91
CA ILE B 180 0.46 -7.03 -6.83
C ILE B 180 0.50 -7.92 -5.65
N THR B 181 1.55 -7.58 -5.05
CA THR B 181 2.06 -8.24 -3.93
C THR B 181 1.88 -7.38 -2.72
N ALA B 182 2.22 -8.07 -1.68
CA ALA B 182 2.25 -7.51 -0.37
C ALA B 182 3.03 -6.15 -0.46
N THR B 183 4.28 -6.28 -0.93
CA THR B 183 5.41 -5.26 -1.01
C THR B 183 5.23 -3.96 -1.90
N GLN B 184 4.44 -4.08 -2.99
CA GLN B 184 4.03 -2.96 -3.88
C GLN B 184 3.15 -2.00 -3.03
N LYS B 185 3.59 -0.72 -3.11
CA LYS B 185 3.15 0.44 -2.24
C LYS B 185 2.05 1.40 -2.77
N THR B 186 1.29 2.09 -1.80
CA THR B 186 0.39 3.24 -2.21
C THR B 186 1.20 4.53 -2.22
N VAL B 187 0.88 5.12 -3.35
CA VAL B 187 1.41 6.36 -3.92
C VAL B 187 2.92 6.24 -4.23
N ASP B 188 3.70 7.03 -3.41
CA ASP B 188 5.16 7.14 -3.56
C ASP B 188 5.93 6.99 -2.30
N SER B 189 7.21 6.72 -2.50
CA SER B 189 7.80 6.20 -1.33
C SER B 189 9.22 5.67 -1.45
N PRO B 190 9.76 5.26 -0.29
CA PRO B 190 11.07 4.61 -0.22
C PRO B 190 11.06 3.30 -0.91
N SER B 191 11.19 2.27 -0.10
CA SER B 191 11.21 0.91 -0.61
C SER B 191 11.85 -0.03 0.40
N GLY B 192 13.01 -0.39 -0.16
CA GLY B 192 14.00 -1.32 0.35
C GLY B 192 14.73 -2.08 -0.81
N LYS B 193 15.23 -3.20 -0.28
CA LYS B 193 16.10 -4.26 -0.83
C LYS B 193 15.52 -4.93 -2.21
N LEU B 194 16.27 -4.53 -3.38
CA LEU B 194 16.00 -4.87 -4.90
C LEU B 194 15.15 -3.64 -5.49
N TRP B 195 15.06 -2.56 -4.55
CA TRP B 195 14.26 -1.19 -4.61
C TRP B 195 12.75 -1.57 -4.84
N ARG B 196 12.60 -2.20 -6.07
CA ARG B 196 11.33 -2.69 -6.71
C ARG B 196 10.48 -1.44 -6.73
N GLY B 197 11.49 -0.51 -6.88
CA GLY B 197 11.52 0.99 -7.13
C GLY B 197 10.34 1.79 -6.48
N GLY B 198 9.60 0.94 -5.60
CA GLY B 198 8.37 1.11 -4.61
C GLY B 198 7.69 2.46 -4.64
N ARG B 199 7.40 2.63 -5.87
CA ARG B 199 6.99 3.82 -6.43
C ARG B 199 5.88 3.54 -7.46
N GLY B 200 4.78 3.05 -6.97
CA GLY B 200 3.64 2.77 -7.79
C GLY B 200 2.48 2.34 -6.91
N ALA B 201 1.84 1.33 -7.47
CA ALA B 201 0.66 0.64 -6.96
C ALA B 201 -0.24 0.30 -8.14
N ALA B 202 -1.10 1.36 -8.18
CA ALA B 202 -2.29 1.64 -9.02
C ALA B 202 -1.95 2.25 -10.39
N GLN B 203 -0.87 3.08 -10.21
CA GLN B 203 -0.31 4.10 -11.17
C GLN B 203 0.65 3.61 -12.28
N ASN B 204 1.69 2.86 -12.00
CA ASN B 204 2.64 2.46 -13.10
C ASN B 204 2.69 0.89 -13.34
N LEU B 205 3.24 0.59 -14.55
CA LEU B 205 3.64 -0.76 -15.08
C LEU B 205 5.12 -0.89 -14.60
N ILE B 206 5.26 -1.56 -13.44
CA ILE B 206 6.54 -1.66 -12.65
C ILE B 206 7.51 -2.81 -13.04
N PRO B 207 8.57 -2.58 -13.84
CA PRO B 207 9.55 -3.65 -14.14
C PRO B 207 10.25 -4.15 -12.85
N ALA B 208 10.53 -5.51 -12.86
CA ALA B 208 11.09 -6.26 -11.70
C ALA B 208 11.86 -7.58 -12.04
N SER B 209 12.63 -7.94 -11.04
CA SER B 209 13.43 -9.16 -11.00
C SER B 209 12.73 -10.18 -10.11
N THR B 210 13.15 -11.38 -10.49
CA THR B 210 12.70 -12.69 -10.05
C THR B 210 13.87 -13.67 -10.46
N GLY B 211 13.91 -14.86 -9.85
CA GLY B 211 14.92 -15.89 -10.19
C GLY B 211 14.22 -17.11 -10.78
N ALA B 212 13.62 -16.89 -11.92
CA ALA B 212 12.81 -17.90 -12.63
C ALA B 212 13.58 -19.20 -12.85
N ALA B 213 14.88 -18.97 -13.10
CA ALA B 213 15.92 -19.96 -13.54
C ALA B 213 16.42 -20.87 -12.41
N LYS B 214 17.14 -20.20 -11.56
CA LYS B 214 17.69 -20.70 -10.32
C LYS B 214 16.77 -21.84 -9.84
N ALA B 215 15.59 -21.31 -9.59
CA ALA B 215 14.41 -21.98 -9.09
C ALA B 215 13.98 -23.11 -9.99
N VAL B 216 13.75 -22.73 -11.22
CA VAL B 216 13.30 -23.66 -12.24
C VAL B 216 14.37 -24.80 -12.37
N GLY B 217 15.66 -24.47 -12.36
CA GLY B 217 16.75 -25.48 -12.47
C GLY B 217 16.78 -26.44 -11.25
N LYS B 218 16.72 -25.86 -10.05
CA LYS B 218 16.76 -26.65 -8.79
C LYS B 218 15.74 -27.80 -8.83
N VAL B 219 14.65 -27.42 -9.43
CA VAL B 219 13.41 -28.18 -9.58
C VAL B 219 13.55 -29.17 -10.80
N ILE B 220 13.88 -28.67 -11.99
CA ILE B 220 14.34 -29.56 -13.07
C ILE B 220 15.81 -29.16 -13.29
N PRO B 221 16.80 -29.99 -12.80
CA PRO B 221 18.18 -29.68 -13.01
C PRO B 221 18.26 -29.52 -14.51
N GLU B 222 18.75 -30.46 -15.28
CA GLU B 222 18.66 -30.28 -16.75
C GLU B 222 18.73 -28.67 -17.00
N LEU B 223 17.50 -28.04 -17.23
CA LEU B 223 17.17 -26.54 -17.19
C LEU B 223 18.04 -26.07 -16.00
N ASP B 224 18.19 -24.88 -15.48
CA ASP B 224 19.22 -24.78 -14.35
C ASP B 224 20.49 -24.14 -14.94
N GLY B 225 20.30 -23.11 -15.75
CA GLY B 225 21.42 -22.39 -16.36
C GLY B 225 21.01 -21.92 -17.74
N LYS B 226 20.13 -22.72 -18.29
CA LYS B 226 19.57 -22.49 -19.62
C LYS B 226 18.26 -21.61 -19.50
N LEU B 227 18.03 -20.92 -18.37
CA LEU B 227 16.76 -20.10 -18.13
C LEU B 227 17.07 -18.94 -17.15
N THR B 228 16.47 -17.76 -17.35
CA THR B 228 16.57 -16.64 -16.32
C THR B 228 15.42 -15.67 -16.47
N GLY B 229 15.28 -14.73 -15.51
CA GLY B 229 14.09 -13.86 -15.56
C GLY B 229 14.11 -12.52 -14.84
N MET B 230 13.02 -11.91 -15.19
CA MET B 230 12.54 -10.64 -14.76
C MET B 230 11.03 -10.65 -15.00
N ALA B 231 10.42 -9.68 -14.34
CA ALA B 231 8.97 -9.45 -14.34
C ALA B 231 8.62 -7.93 -14.20
N PHE B 232 7.38 -7.59 -14.60
CA PHE B 232 6.77 -6.23 -14.39
C PHE B 232 5.45 -6.45 -13.78
N ARG B 233 5.44 -6.04 -12.57
CA ARG B 233 4.29 -6.15 -11.74
C ARG B 233 3.39 -4.95 -11.97
N VAL B 234 2.17 -5.31 -12.29
CA VAL B 234 1.16 -4.35 -12.63
C VAL B 234 0.14 -4.24 -11.54
N PRO B 235 -0.68 -3.26 -11.64
CA PRO B 235 -1.69 -3.05 -10.64
C PRO B 235 -2.64 -4.27 -10.36
N THR B 236 -2.88 -5.27 -11.25
CA THR B 236 -3.82 -6.43 -10.89
C THR B 236 -3.56 -6.99 -9.45
N ALA B 237 -4.54 -6.97 -8.54
CA ALA B 237 -4.35 -7.49 -7.13
C ALA B 237 -4.13 -9.02 -7.15
N ASN B 238 -5.14 -9.77 -7.56
CA ASN B 238 -4.96 -11.23 -7.73
C ASN B 238 -5.06 -11.64 -9.24
N VAL B 239 -4.02 -12.50 -9.43
CA VAL B 239 -3.57 -13.34 -10.61
C VAL B 239 -2.48 -12.69 -11.50
N SER B 240 -1.76 -13.61 -12.15
CA SER B 240 -0.63 -13.31 -13.03
C SER B 240 -0.36 -14.47 -14.02
N VAL B 241 0.35 -14.09 -15.10
CA VAL B 241 0.72 -15.00 -16.21
C VAL B 241 2.22 -14.89 -16.54
N LEU B 242 2.71 -16.00 -17.06
CA LEU B 242 4.11 -16.19 -17.40
C LEU B 242 4.29 -16.36 -18.90
N ASP B 243 5.27 -15.68 -19.41
CA ASP B 243 5.61 -15.73 -20.82
C ASP B 243 6.91 -16.54 -20.98
N LEU B 244 6.88 -17.61 -21.78
CA LEU B 244 8.13 -18.36 -22.09
C LEU B 244 8.35 -18.35 -23.61
N THR B 245 9.61 -18.07 -23.91
CA THR B 245 10.17 -18.05 -25.25
C THR B 245 11.29 -19.07 -25.24
N CYS B 246 11.34 -19.80 -26.30
CA CYS B 246 12.23 -20.93 -26.41
C CYS B 246 12.80 -21.05 -27.81
N ARG B 247 13.93 -21.70 -27.82
CA ARG B 247 14.69 -22.11 -28.99
C ARG B 247 14.73 -23.64 -28.77
N LEU B 248 14.36 -24.53 -29.68
CA LEU B 248 14.42 -25.97 -29.23
C LEU B 248 15.05 -26.99 -30.22
N GLU B 249 15.61 -28.00 -29.50
CA GLU B 249 16.39 -29.17 -30.02
C GLU B 249 15.52 -29.98 -31.08
N LYS B 250 14.36 -30.57 -30.68
CA LYS B 250 13.39 -31.27 -31.64
C LYS B 250 12.46 -30.18 -32.20
N PRO B 251 12.04 -30.33 -33.46
CA PRO B 251 11.17 -29.38 -34.15
C PRO B 251 9.81 -29.36 -33.55
N ALA B 252 9.20 -28.23 -33.46
CA ALA B 252 7.83 -28.19 -32.97
C ALA B 252 6.90 -27.60 -34.04
N LYS B 253 5.64 -27.86 -33.76
CA LYS B 253 4.49 -27.26 -34.41
C LYS B 253 3.77 -26.64 -33.28
N TYR B 254 3.06 -25.61 -33.54
CA TYR B 254 2.31 -25.06 -32.45
C TYR B 254 1.25 -26.06 -32.04
N ASP B 255 0.64 -26.57 -33.07
CA ASP B 255 -0.38 -27.59 -32.94
C ASP B 255 0.16 -28.64 -31.88
N ASP B 256 1.44 -28.96 -32.04
CA ASP B 256 2.17 -30.03 -31.29
C ASP B 256 2.48 -29.79 -29.81
N ILE B 257 3.02 -28.67 -29.51
CA ILE B 257 3.33 -28.32 -28.15
C ILE B 257 2.05 -28.51 -27.32
N LYS B 258 1.06 -27.78 -27.80
CA LYS B 258 -0.31 -27.70 -27.24
C LYS B 258 -0.82 -29.12 -26.83
N LYS B 259 -0.92 -30.05 -27.80
CA LYS B 259 -1.40 -31.45 -27.54
C LYS B 259 -0.39 -32.21 -26.61
N VAL B 260 0.94 -31.91 -26.68
CA VAL B 260 1.89 -32.56 -25.73
C VAL B 260 1.39 -32.25 -24.32
N VAL B 261 1.32 -30.97 -23.98
CA VAL B 261 0.79 -30.62 -22.65
C VAL B 261 -0.66 -31.19 -22.53
N LYS B 262 -1.57 -30.92 -23.53
CA LYS B 262 -2.97 -31.55 -23.51
C LYS B 262 -2.75 -33.03 -23.03
N GLU B 263 -2.27 -33.98 -23.88
CA GLU B 263 -2.12 -35.40 -23.41
C GLU B 263 -1.35 -35.49 -22.08
N ALA B 264 -0.20 -34.84 -21.96
CA ALA B 264 0.57 -34.89 -20.71
C ALA B 264 -0.20 -34.33 -19.49
N SER B 265 -0.79 -33.15 -19.58
CA SER B 265 -1.64 -32.67 -18.46
C SER B 265 -2.69 -33.71 -18.22
N GLU B 266 -3.18 -34.30 -19.29
CA GLU B 266 -4.28 -35.21 -19.11
C GLU B 266 -3.87 -36.15 -17.98
N GLY B 267 -2.78 -36.91 -18.15
CA GLY B 267 -2.41 -37.91 -17.12
C GLY B 267 -1.57 -37.61 -15.84
N PRO B 268 -0.22 -37.44 -15.88
CA PRO B 268 0.51 -37.33 -14.64
C PRO B 268 0.20 -36.11 -13.82
N LEU B 269 0.45 -34.93 -14.41
CA LEU B 269 0.31 -33.65 -13.64
C LEU B 269 -1.10 -33.40 -13.13
N LYS B 270 -2.07 -33.56 -13.96
CA LYS B 270 -3.45 -33.30 -13.50
C LYS B 270 -3.53 -31.91 -12.72
N GLY B 271 -3.06 -31.98 -11.43
CA GLY B 271 -3.09 -30.92 -10.31
C GLY B 271 -2.56 -29.49 -10.65
N ILE B 272 -1.47 -29.44 -11.40
CA ILE B 272 -0.87 -28.18 -11.88
C ILE B 272 -0.81 -28.22 -13.44
N LEU B 273 -1.18 -27.11 -14.10
CA LEU B 273 -1.16 -26.99 -15.60
C LEU B 273 -2.56 -26.56 -16.15
N GLY B 274 -3.15 -27.37 -17.06
CA GLY B 274 -4.53 -27.08 -17.58
C GLY B 274 -4.74 -27.41 -19.09
N TYR B 275 -4.54 -26.38 -19.89
CA TYR B 275 -4.74 -26.36 -21.36
C TYR B 275 -6.20 -26.15 -21.66
N THR B 276 -6.35 -24.86 -21.75
CA THR B 276 -7.56 -24.20 -22.10
C THR B 276 -7.43 -23.81 -23.59
N GLU B 277 -7.99 -24.60 -24.50
CA GLU B 277 -8.02 -24.14 -25.92
C GLU B 277 -8.89 -22.88 -25.84
N ASP B 278 -9.64 -22.92 -24.70
CA ASP B 278 -10.69 -21.91 -24.22
C ASP B 278 -10.54 -20.47 -24.99
N GLU B 279 -9.98 -19.29 -24.64
CA GLU B 279 -9.88 -18.08 -25.66
C GLU B 279 -10.22 -16.78 -25.01
N VAL B 280 -9.02 -16.26 -24.93
CA VAL B 280 -8.57 -15.26 -24.00
C VAL B 280 -9.65 -15.05 -23.00
N VAL B 281 -9.17 -15.54 -21.90
CA VAL B 281 -9.88 -15.63 -20.64
C VAL B 281 -9.18 -14.79 -19.58
N SER B 282 -8.44 -13.90 -20.16
CA SER B 282 -7.75 -12.77 -19.53
C SER B 282 -6.99 -13.08 -18.26
N ASP B 283 -7.76 -12.95 -17.28
CA ASP B 283 -7.33 -12.96 -15.95
C ASP B 283 -8.35 -13.81 -15.07
N ASP B 284 -9.61 -14.13 -15.47
CA ASP B 284 -10.54 -14.91 -14.55
C ASP B 284 -9.76 -15.60 -13.40
N PHE B 285 -9.48 -16.89 -13.67
CA PHE B 285 -8.71 -17.76 -12.76
C PHE B 285 -8.91 -17.17 -11.30
N ASN B 286 -7.94 -16.72 -10.50
CA ASN B 286 -8.34 -16.12 -9.18
C ASN B 286 -9.02 -17.24 -8.40
N GLY B 287 -8.12 -18.10 -7.98
CA GLY B 287 -8.45 -19.33 -7.34
C GLY B 287 -9.37 -20.02 -8.30
N SER B 288 -8.82 -20.52 -9.38
CA SER B 288 -9.66 -21.24 -10.33
C SER B 288 -9.85 -22.67 -9.85
N ASN B 289 -8.90 -23.13 -9.04
CA ASN B 289 -8.83 -24.54 -8.49
C ASN B 289 -8.00 -25.41 -9.53
N HIS B 290 -6.82 -24.77 -9.76
CA HIS B 290 -5.64 -25.10 -10.66
C HIS B 290 -4.35 -24.40 -10.07
N SER B 291 -3.10 -24.85 -10.43
CA SER B 291 -1.83 -24.10 -10.02
C SER B 291 -1.28 -23.29 -11.22
N SER B 292 -0.46 -23.90 -12.05
CA SER B 292 -0.02 -23.25 -13.31
C SER B 292 -0.99 -23.68 -14.40
N ILE B 293 -1.45 -22.70 -15.14
CA ILE B 293 -2.35 -22.95 -16.27
C ILE B 293 -1.99 -22.10 -17.46
N PHE B 294 -1.82 -22.99 -18.43
CA PHE B 294 -1.52 -22.77 -19.83
C PHE B 294 -2.72 -23.13 -20.62
N ASP B 295 -2.58 -22.55 -21.78
CA ASP B 295 -3.54 -22.58 -22.85
C ASP B 295 -2.86 -22.51 -24.19
N ALA B 296 -3.59 -22.98 -25.15
CA ALA B 296 -3.24 -22.79 -26.53
C ALA B 296 -3.79 -21.39 -26.86
N GLY B 297 -3.49 -20.91 -28.06
CA GLY B 297 -3.98 -19.58 -28.55
C GLY B 297 -3.01 -18.45 -28.14
N ALA B 298 -3.38 -17.81 -27.04
CA ALA B 298 -2.59 -16.72 -26.40
C ALA B 298 -1.59 -16.04 -27.38
N GLY B 299 -0.31 -15.94 -26.97
CA GLY B 299 0.73 -15.24 -27.79
C GLY B 299 1.72 -16.23 -28.44
N ILE B 300 1.16 -17.22 -29.06
CA ILE B 300 1.93 -18.29 -29.67
C ILE B 300 2.24 -18.01 -31.14
N GLU B 301 3.47 -18.28 -31.45
CA GLU B 301 3.97 -18.17 -32.81
C GLU B 301 5.12 -19.17 -32.90
N LEU B 302 5.15 -19.79 -34.10
CA LEU B 302 5.99 -20.97 -34.36
C LEU B 302 6.86 -20.93 -35.62
N ASN B 303 7.84 -21.80 -35.50
CA ASN B 303 8.96 -21.77 -36.38
C ASN B 303 9.98 -22.88 -35.89
N ASP B 304 9.88 -24.15 -36.33
CA ASP B 304 11.02 -25.08 -36.05
C ASP B 304 11.39 -25.07 -34.50
N THR B 305 12.47 -24.31 -34.49
CA THR B 305 13.50 -23.91 -33.52
C THR B 305 13.02 -22.94 -32.38
N PHE B 306 12.79 -21.71 -32.75
CA PHE B 306 12.22 -20.70 -31.86
C PHE B 306 10.70 -20.98 -31.84
N VAL B 307 10.14 -20.57 -30.73
CA VAL B 307 8.71 -20.62 -30.42
C VAL B 307 8.51 -19.67 -29.25
N LYS B 308 7.25 -19.30 -29.04
CA LYS B 308 6.81 -18.50 -27.87
C LYS B 308 5.68 -19.25 -27.22
N LEU B 309 5.66 -19.21 -25.91
CA LEU B 309 4.64 -19.96 -25.16
C LEU B 309 4.22 -19.26 -23.85
N VAL B 310 2.88 -19.22 -23.60
CA VAL B 310 2.35 -18.68 -22.31
C VAL B 310 1.40 -19.69 -21.58
N SER B 311 1.83 -19.79 -20.27
CA SER B 311 1.25 -20.56 -19.10
C SER B 311 0.64 -19.53 -18.12
N TRP B 312 0.27 -19.83 -16.85
CA TRP B 312 -0.34 -18.70 -16.02
C TRP B 312 -0.17 -18.79 -14.47
N TYR B 313 -1.09 -18.12 -13.66
CA TYR B 313 -0.91 -18.23 -12.16
C TYR B 313 -2.05 -18.22 -11.19
N ASP B 314 -2.63 -17.14 -10.85
CA ASP B 314 -3.60 -17.32 -9.80
C ASP B 314 -2.66 -17.55 -8.52
N ASN B 315 -1.49 -16.76 -8.44
CA ASN B 315 -0.46 -16.84 -7.32
C ASN B 315 -1.20 -17.22 -6.06
N GLU B 316 -1.15 -16.29 -5.16
CA GLU B 316 -1.89 -16.38 -3.93
C GLU B 316 -2.33 -17.84 -3.66
N PHE B 317 -3.48 -18.17 -4.22
CA PHE B 317 -4.17 -19.47 -4.02
C PHE B 317 -3.48 -20.70 -4.63
N GLY B 318 -3.60 -20.83 -5.94
CA GLY B 318 -2.98 -21.94 -6.60
C GLY B 318 -1.87 -22.35 -5.69
N TYR B 319 -1.10 -21.36 -5.41
CA TYR B 319 0.03 -21.53 -4.59
C TYR B 319 -0.30 -22.26 -3.29
N SER B 320 -1.16 -21.64 -2.54
CA SER B 320 -1.51 -22.15 -1.24
C SER B 320 -2.11 -23.53 -1.35
N GLU B 321 -2.51 -23.89 -2.52
CA GLU B 321 -3.06 -25.22 -2.65
C GLU B 321 -1.94 -26.24 -2.98
N ARG B 322 -0.80 -25.85 -3.59
CA ARG B 322 0.28 -26.87 -3.85
C ARG B 322 1.16 -26.99 -2.62
N VAL B 323 0.86 -26.19 -1.65
CA VAL B 323 1.59 -26.28 -0.41
C VAL B 323 0.96 -27.43 0.40
N VAL B 324 -0.33 -27.37 0.53
CA VAL B 324 -1.08 -28.41 1.21
C VAL B 324 -0.91 -29.70 0.38
N ASP B 325 -0.74 -29.51 -0.91
CA ASP B 325 -0.51 -30.63 -1.83
C ASP B 325 0.67 -31.40 -1.33
N LEU B 326 1.72 -30.64 -1.10
CA LEU B 326 2.99 -31.19 -0.67
C LEU B 326 2.93 -31.49 0.86
N MET B 327 2.22 -30.72 1.68
CA MET B 327 2.16 -31.06 3.13
C MET B 327 1.72 -32.51 3.35
N ALA B 328 0.92 -33.02 2.47
CA ALA B 328 0.51 -34.41 2.55
C ALA B 328 1.59 -35.27 1.86
N HIS B 329 2.14 -34.85 0.71
CA HIS B 329 3.25 -35.66 0.11
C HIS B 329 4.32 -35.79 1.24
N MET B 330 4.78 -34.70 1.88
CA MET B 330 5.86 -34.88 2.92
C MET B 330 5.40 -35.60 4.19
N ALA B 331 4.19 -35.38 4.63
CA ALA B 331 3.72 -36.09 5.83
C ALA B 331 3.56 -37.59 5.51
N SER B 332 2.74 -37.97 4.55
CA SER B 332 2.64 -39.41 4.23
C SER B 332 4.05 -40.03 4.21
N LYS B 333 4.74 -39.58 3.16
CA LYS B 333 6.08 -40.00 2.80
C LYS B 333 6.99 -39.91 4.08
N GLU B 334 7.35 -38.82 4.73
CA GLU B 334 8.18 -39.06 5.98
C GLU B 334 7.25 -39.49 7.11
#